data_4EUS
#
_entry.id   4EUS
#
_cell.length_a   169.768
_cell.length_b   84.249
_cell.length_c   90.132
_cell.angle_alpha   90.00
_cell.angle_beta   100.31
_cell.angle_gamma   90.00
#
_symmetry.space_group_name_H-M   'C 1 2 1'
#
loop_
_entity.id
_entity.type
_entity.pdbx_description
1 polymer 'Putative hydrolase'
2 non-polymer (2S)-hexane-1,2-diol
3 water water
#
_entity_poly.entity_id   1
_entity_poly.type   'polypeptide(L)'
_entity_poly.pdbx_seq_one_letter_code
;AEEFPVPNGFESAYREVDGVKLHYVKGGQGPLVMLVHGFGQTWYEWHQLMPELAKRFTVIAPDLPGLGQSEPPKTGYSGE
QVAVYLHKLARQFSPDRPFDLVAHDIGIWNTYPMVVKNQADIARLVYMEAPIPDARIYRFPAFTAQGESLVWHFSFFAAD
DRLAETLIAGKERFFLEHFIKSHASNTEVFSERLLDLYARSYAKPHSLNASFEYYRALNESVRQNAELAKTRLQMPTMTL
AGGGHGGMGTFQLEQMKAYAEDVEGHVLPGCGHWLPEECAAPMNRLVIDFLSRGRHHHHHH
;
_entity_poly.pdbx_strand_id   A,B,C,D
#
# COMPACT_ATOMS: atom_id res chain seq x y z
N ALA A 1 2.17 22.02 25.29
CA ALA A 1 2.73 20.96 24.45
C ALA A 1 2.25 21.08 23.00
N GLU A 2 3.00 20.48 22.09
CA GLU A 2 2.65 20.52 20.67
C GLU A 2 2.67 19.11 20.09
N GLU A 3 1.56 18.71 19.48
CA GLU A 3 1.47 17.40 18.87
C GLU A 3 2.35 17.25 17.64
N PHE A 4 2.50 18.33 16.87
CA PHE A 4 3.29 18.33 15.64
C PHE A 4 4.21 19.53 15.59
N PRO A 5 5.39 19.36 14.98
CA PRO A 5 6.36 20.47 14.96
C PRO A 5 5.94 21.63 14.05
N VAL A 6 6.02 22.83 14.61
CA VAL A 6 5.67 24.04 13.90
C VAL A 6 6.81 24.39 12.93
N PRO A 7 6.47 24.78 11.69
CA PRO A 7 7.51 25.21 10.77
C PRO A 7 8.19 26.47 11.30
N ASN A 8 9.47 26.65 10.98
CA ASN A 8 10.19 27.84 11.44
C ASN A 8 9.47 29.11 11.04
N GLY A 9 9.35 30.05 11.97
CA GLY A 9 8.71 31.32 11.67
C GLY A 9 7.20 31.31 11.84
N PHE A 10 6.66 30.16 12.25
CA PHE A 10 5.23 30.06 12.53
C PHE A 10 4.97 29.98 14.04
N GLU A 11 3.77 30.33 14.45
CA GLU A 11 3.38 30.21 15.85
C GLU A 11 2.18 29.29 16.04
N SER A 12 2.20 28.53 17.13
CA SER A 12 1.08 27.70 17.55
C SER A 12 0.32 28.44 18.64
N ALA A 13 -0.99 28.65 18.44
CA ALA A 13 -1.77 29.42 19.39
C ALA A 13 -3.22 28.96 19.43
N TYR A 14 -4.03 29.62 20.24
CA TYR A 14 -5.44 29.25 20.38
C TYR A 14 -6.32 30.47 20.38
N ARG A 15 -7.53 30.31 19.88
CA ARG A 15 -8.53 31.36 20.00
C ARG A 15 -9.87 30.74 20.39
N GLU A 16 -10.51 31.34 21.40
CA GLU A 16 -11.82 30.91 21.85
C GLU A 16 -12.86 31.51 20.92
N VAL A 17 -13.67 30.65 20.32
CA VAL A 17 -14.71 31.07 19.39
C VAL A 17 -16.02 30.43 19.85
N ASP A 18 -17.00 31.25 20.23
CA ASP A 18 -18.26 30.77 20.78
C ASP A 18 -18.08 29.66 21.83
N GLY A 19 -17.22 29.91 22.81
CA GLY A 19 -17.03 28.98 23.91
C GLY A 19 -16.17 27.76 23.61
N VAL A 20 -15.60 27.70 22.41
CA VAL A 20 -14.77 26.57 22.00
C VAL A 20 -13.35 27.02 21.71
N LYS A 21 -12.37 26.39 22.36
CA LYS A 21 -10.97 26.76 22.16
C LYS A 21 -10.41 26.07 20.92
N LEU A 22 -10.14 26.86 19.88
CA LEU A 22 -9.60 26.31 18.63
C LEU A 22 -8.10 26.50 18.54
N HIS A 23 -7.39 25.44 18.17
CA HIS A 23 -5.95 25.50 17.97
C HIS A 23 -5.65 25.85 16.52
N TYR A 24 -4.63 26.66 16.29
CA TYR A 24 -4.21 26.93 14.92
C TYR A 24 -2.70 27.19 14.88
N VAL A 25 -2.14 27.09 13.68
CA VAL A 25 -0.76 27.48 13.44
C VAL A 25 -0.79 28.59 12.41
N LYS A 26 -0.04 29.66 12.66
CA LYS A 26 -0.13 30.89 11.87
C LYS A 26 1.23 31.48 11.55
N GLY A 27 1.38 32.01 10.34
CA GLY A 27 2.61 32.67 9.95
C GLY A 27 2.44 33.49 8.69
N GLY A 28 3.44 34.31 8.38
CA GLY A 28 3.43 35.07 7.15
C GLY A 28 2.76 36.42 7.28
N GLN A 29 2.67 37.12 6.15
CA GLN A 29 2.04 38.42 6.12
C GLN A 29 1.38 38.65 4.77
N GLY A 30 0.38 39.52 4.75
CA GLY A 30 -0.42 39.77 3.56
C GLY A 30 -1.85 39.33 3.78
N PRO A 31 -2.63 39.24 2.70
CA PRO A 31 -4.02 38.77 2.79
C PRO A 31 -4.08 37.38 3.42
N LEU A 32 -5.21 37.06 4.05
CA LEU A 32 -5.32 35.81 4.78
C LEU A 32 -5.75 34.63 3.93
N VAL A 33 -5.07 33.49 4.12
CA VAL A 33 -5.55 32.23 3.59
CA VAL A 33 -5.51 32.21 3.57
C VAL A 33 -5.69 31.23 4.72
N MET A 34 -6.86 30.59 4.79
CA MET A 34 -7.10 29.58 5.80
C MET A 34 -7.05 28.22 5.13
N LEU A 35 -6.28 27.30 5.73
CA LEU A 35 -6.12 25.94 5.22
C LEU A 35 -6.82 24.99 6.19
N VAL A 36 -7.78 24.20 5.70
CA VAL A 36 -8.58 23.33 6.57
C VAL A 36 -8.42 21.83 6.25
N HIS A 37 -7.89 21.08 7.21
CA HIS A 37 -7.56 19.66 7.05
C HIS A 37 -8.78 18.76 7.08
N GLY A 38 -8.54 17.45 6.89
CA GLY A 38 -9.60 16.45 6.88
C GLY A 38 -9.41 15.29 7.85
N PHE A 39 -10.16 14.23 7.62
CA PHE A 39 -10.18 13.08 8.53
C PHE A 39 -8.84 12.35 8.59
N GLY A 40 -8.46 11.95 9.81
CA GLY A 40 -7.26 11.16 10.02
C GLY A 40 -6.06 12.04 10.25
N GLN A 41 -6.24 13.34 10.06
CA GLN A 41 -5.13 14.28 10.09
C GLN A 41 -5.42 15.53 10.93
N THR A 42 -4.54 16.54 10.83
CA THR A 42 -4.64 17.77 11.60
C THR A 42 -4.05 18.87 10.73
N TRP A 43 -3.82 20.04 11.30
CA TRP A 43 -3.20 21.15 10.55
C TRP A 43 -1.89 20.72 9.87
N TYR A 44 -1.23 19.72 10.45
CA TYR A 44 0.11 19.31 10.00
C TYR A 44 0.18 18.85 8.56
N GLU A 45 -0.94 18.41 7.99
CA GLU A 45 -0.89 18.00 6.58
C GLU A 45 -0.44 19.14 5.68
N TRP A 46 -0.63 20.39 6.14
CA TRP A 46 -0.31 21.56 5.35
C TRP A 46 1.11 22.08 5.61
N HIS A 47 1.89 21.39 6.44
CA HIS A 47 3.14 21.98 6.93
C HIS A 47 4.20 22.23 5.84
N GLN A 48 4.11 21.53 4.71
CA GLN A 48 5.05 21.74 3.60
C GLN A 48 4.64 22.89 2.69
N LEU A 49 3.33 23.08 2.54
CA LEU A 49 2.76 24.17 1.74
C LEU A 49 2.86 25.51 2.48
N MET A 50 2.71 25.48 3.80
CA MET A 50 2.65 26.71 4.61
C MET A 50 3.80 27.73 4.41
N PRO A 51 5.07 27.28 4.47
CA PRO A 51 6.17 28.24 4.29
C PRO A 51 6.14 28.96 2.94
N GLU A 52 5.75 28.25 1.89
CA GLU A 52 5.73 28.80 0.54
C GLU A 52 4.61 29.86 0.41
N LEU A 53 3.44 29.53 0.93
CA LEU A 53 2.33 30.48 0.96
C LEU A 53 2.63 31.71 1.82
N ALA A 54 3.38 31.53 2.89
CA ALA A 54 3.64 32.61 3.85
C ALA A 54 4.53 33.73 3.28
N LYS A 55 5.15 33.47 2.14
CA LYS A 55 5.94 34.48 1.45
C LYS A 55 5.03 35.54 0.85
N ARG A 56 3.77 35.18 0.64
CA ARG A 56 2.81 36.05 -0.06
C ARG A 56 1.54 36.30 0.74
N PHE A 57 1.26 35.47 1.74
CA PHE A 57 0.01 35.54 2.48
C PHE A 57 0.22 35.41 3.97
N THR A 58 -0.73 35.92 4.76
CA THR A 58 -0.86 35.47 6.13
C THR A 58 -1.59 34.13 6.11
N VAL A 59 -0.98 33.10 6.69
CA VAL A 59 -1.50 31.75 6.59
C VAL A 59 -1.96 31.26 7.95
N ILE A 60 -3.19 30.76 8.03
CA ILE A 60 -3.67 30.10 9.24
CA ILE A 60 -3.66 30.09 9.24
C ILE A 60 -4.16 28.68 8.93
N ALA A 61 -3.76 27.73 9.77
CA ALA A 61 -4.20 26.35 9.64
C ALA A 61 -4.77 25.85 10.96
N PRO A 62 -6.11 25.84 11.08
CA PRO A 62 -6.72 25.42 12.35
C PRO A 62 -6.90 23.91 12.45
N ASP A 63 -7.01 23.41 13.67
CA ASP A 63 -7.46 22.04 13.88
C ASP A 63 -9.00 22.05 13.94
N LEU A 64 -9.64 21.15 13.21
CA LEU A 64 -11.10 21.06 13.26
C LEU A 64 -11.56 20.77 14.68
N PRO A 65 -12.75 21.28 15.06
CA PRO A 65 -13.25 21.04 16.41
C PRO A 65 -13.21 19.56 16.83
N GLY A 66 -12.61 19.30 17.99
CA GLY A 66 -12.46 17.96 18.53
C GLY A 66 -11.21 17.21 18.06
N LEU A 67 -10.63 17.66 16.95
CA LEU A 67 -9.43 17.02 16.37
C LEU A 67 -8.20 17.84 16.66
N GLY A 68 -7.03 17.22 16.51
CA GLY A 68 -5.79 17.89 16.86
C GLY A 68 -5.87 18.43 18.28
N GLN A 69 -5.55 19.71 18.44
CA GLN A 69 -5.58 20.35 19.75
C GLN A 69 -6.79 21.28 19.94
N SER A 70 -7.80 21.14 19.10
CA SER A 70 -9.03 21.94 19.24
C SER A 70 -10.10 21.25 20.08
N GLU A 71 -10.79 22.03 20.90
CA GLU A 71 -11.90 21.49 21.69
C GLU A 71 -13.05 21.05 20.79
N PRO A 72 -13.83 20.06 21.25
CA PRO A 72 -15.04 19.66 20.51
C PRO A 72 -16.01 20.82 20.35
N PRO A 73 -16.84 20.77 19.30
CA PRO A 73 -17.84 21.83 19.13
C PRO A 73 -18.89 21.73 20.24
N LYS A 74 -19.50 22.86 20.58
CA LYS A 74 -20.52 22.87 21.63
C LYS A 74 -21.93 22.85 21.05
N THR A 75 -22.05 23.16 19.76
CA THR A 75 -23.33 23.10 19.09
C THR A 75 -23.57 21.70 18.52
N GLY A 76 -22.74 21.32 17.54
CA GLY A 76 -22.82 20.01 16.91
C GLY A 76 -21.81 19.87 15.79
N TYR A 77 -21.88 18.75 15.07
CA TYR A 77 -20.86 18.42 14.08
C TYR A 77 -21.32 18.51 12.62
N SER A 78 -22.54 18.97 12.40
CA SER A 78 -23.02 19.18 11.03
C SER A 78 -22.24 20.31 10.36
N GLY A 79 -22.23 20.31 9.02
CA GLY A 79 -21.44 21.26 8.26
C GLY A 79 -21.76 22.69 8.61
N GLU A 80 -23.06 23.00 8.74
CA GLU A 80 -23.45 24.36 9.03
C GLU A 80 -23.00 24.80 10.43
N GLN A 81 -23.06 23.89 11.39
CA GLN A 81 -22.67 24.19 12.77
C GLN A 81 -21.16 24.44 12.90
N VAL A 82 -20.38 23.57 12.32
CA VAL A 82 -18.93 23.68 12.42
C VAL A 82 -18.41 24.87 11.61
N ALA A 83 -19.05 25.17 10.49
CA ALA A 83 -18.62 26.27 9.63
C ALA A 83 -18.64 27.61 10.37
N VAL A 84 -19.57 27.75 11.31
CA VAL A 84 -19.64 28.98 12.10
C VAL A 84 -18.33 29.22 12.83
N TYR A 85 -17.79 28.19 13.46
CA TYR A 85 -16.53 28.31 14.20
C TYR A 85 -15.39 28.76 13.28
N LEU A 86 -15.30 28.11 12.13
CA LEU A 86 -14.23 28.39 11.18
C LEU A 86 -14.36 29.78 10.55
N HIS A 87 -15.58 30.18 10.19
CA HIS A 87 -15.80 31.51 9.62
C HIS A 87 -15.43 32.61 10.62
N LYS A 88 -15.87 32.47 11.87
CA LYS A 88 -15.56 33.46 12.89
C LYS A 88 -14.07 33.52 13.19
N LEU A 89 -13.40 32.38 13.23
CA LEU A 89 -11.96 32.34 13.45
C LEU A 89 -11.25 33.15 12.37
N ALA A 90 -11.57 32.85 11.12
CA ALA A 90 -10.94 33.55 10.00
C ALA A 90 -11.17 35.04 10.06
N ARG A 91 -12.41 35.43 10.36
CA ARG A 91 -12.78 36.84 10.38
C ARG A 91 -12.18 37.61 11.56
N GLN A 92 -11.71 36.89 12.58
CA GLN A 92 -10.97 37.56 13.66
C GLN A 92 -9.66 38.13 13.11
N PHE A 93 -9.05 37.38 12.19
CA PHE A 93 -7.75 37.76 11.63
C PHE A 93 -7.91 38.59 10.36
N SER A 94 -9.09 38.52 9.74
CA SER A 94 -9.37 39.32 8.56
C SER A 94 -10.76 39.97 8.62
N PRO A 95 -10.96 40.92 9.55
CA PRO A 95 -12.29 41.49 9.77
C PRO A 95 -12.77 42.45 8.67
N ASP A 96 -11.85 43.08 7.94
CA ASP A 96 -12.22 44.13 6.99
C ASP A 96 -11.91 43.78 5.52
N ARG A 97 -11.46 42.56 5.29
CA ARG A 97 -11.09 42.11 3.93
C ARG A 97 -11.48 40.65 3.75
N PRO A 98 -11.84 40.26 2.51
CA PRO A 98 -12.12 38.85 2.23
C PRO A 98 -10.86 38.02 2.35
N PHE A 99 -11.01 36.72 2.59
CA PHE A 99 -9.87 35.82 2.73
C PHE A 99 -9.97 34.66 1.76
N ASP A 100 -8.86 33.95 1.56
CA ASP A 100 -8.85 32.76 0.70
C ASP A 100 -9.05 31.48 1.54
N LEU A 101 -9.58 30.43 0.92
CA LEU A 101 -9.86 29.19 1.61
C LEU A 101 -9.38 28.00 0.80
N VAL A 102 -8.61 27.12 1.46
CA VAL A 102 -8.23 25.84 0.89
C VAL A 102 -8.70 24.75 1.86
N ALA A 103 -9.41 23.75 1.35
CA ALA A 103 -9.94 22.71 2.24
C ALA A 103 -9.80 21.32 1.62
N HIS A 104 -9.51 20.33 2.47
CA HIS A 104 -9.27 18.96 2.04
C HIS A 104 -10.23 18.03 2.78
N ASP A 105 -10.86 17.10 2.06
CA ASP A 105 -11.64 16.04 2.71
C ASP A 105 -12.79 16.66 3.53
N ILE A 106 -12.99 16.23 4.78
CA ILE A 106 -14.13 16.78 5.55
C ILE A 106 -13.95 18.27 5.87
N GLY A 107 -12.78 18.81 5.57
CA GLY A 107 -12.59 20.26 5.58
C GLY A 107 -13.58 20.94 4.66
N ILE A 108 -13.91 20.28 3.55
CA ILE A 108 -14.95 20.76 2.63
C ILE A 108 -16.31 20.77 3.29
N TRP A 109 -16.67 19.68 3.94
CA TRP A 109 -17.97 19.57 4.60
C TRP A 109 -18.14 20.71 5.61
N ASN A 110 -17.05 21.02 6.30
CA ASN A 110 -17.08 21.97 7.41
C ASN A 110 -16.85 23.42 7.02
N THR A 111 -16.74 23.70 5.72
CA THR A 111 -16.59 25.06 5.25
C THR A 111 -17.61 25.48 4.20
N TYR A 112 -18.15 24.52 3.44
CA TYR A 112 -19.07 24.88 2.37
C TYR A 112 -20.23 25.81 2.82
N PRO A 113 -20.87 25.52 3.97
CA PRO A 113 -21.98 26.40 4.34
C PRO A 113 -21.55 27.84 4.62
N MET A 114 -20.36 28.05 5.16
CA MET A 114 -19.95 29.42 5.44
C MET A 114 -19.53 30.16 4.17
N VAL A 115 -19.05 29.42 3.18
CA VAL A 115 -18.73 30.01 1.89
C VAL A 115 -20.00 30.48 1.19
N VAL A 116 -21.01 29.62 1.16
CA VAL A 116 -22.24 29.97 0.44
C VAL A 116 -23.02 31.08 1.16
N LYS A 117 -22.96 31.12 2.49
CA LYS A 117 -23.70 32.12 3.25
C LYS A 117 -22.97 33.45 3.42
N ASN A 118 -21.68 33.46 3.16
CA ASN A 118 -20.86 34.67 3.28
C ASN A 118 -19.95 34.84 2.07
N GLN A 119 -20.53 34.87 0.87
CA GLN A 119 -19.73 34.83 -0.35
C GLN A 119 -18.76 36.00 -0.45
N ALA A 120 -19.18 37.18 -0.01
CA ALA A 120 -18.32 38.36 -0.07
C ALA A 120 -17.07 38.26 0.79
N ASP A 121 -17.08 37.35 1.77
CA ASP A 121 -15.92 37.14 2.65
C ASP A 121 -14.86 36.21 2.03
N ILE A 122 -15.23 35.50 0.98
CA ILE A 122 -14.34 34.53 0.36
C ILE A 122 -13.86 35.01 -1.01
N ALA A 123 -12.57 35.30 -1.12
CA ALA A 123 -12.01 35.83 -2.35
C ALA A 123 -11.84 34.74 -3.40
N ARG A 124 -11.14 33.67 -3.01
CA ARG A 124 -10.87 32.54 -3.90
C ARG A 124 -10.94 31.25 -3.09
N LEU A 125 -11.30 30.16 -3.75
CA LEU A 125 -11.61 28.90 -3.08
C LEU A 125 -10.88 27.75 -3.75
N VAL A 126 -10.26 26.88 -2.95
CA VAL A 126 -9.69 25.64 -3.45
C VAL A 126 -10.22 24.48 -2.63
N TYR A 127 -10.88 23.55 -3.31
CA TYR A 127 -11.41 22.35 -2.65
C TYR A 127 -10.76 21.10 -3.23
N MET A 128 -10.40 20.16 -2.36
CA MET A 128 -9.76 18.94 -2.84
C MET A 128 -10.18 17.66 -2.13
N GLU A 129 -10.43 16.62 -2.92
CA GLU A 129 -10.52 15.25 -2.39
C GLU A 129 -11.62 14.96 -1.36
N ALA A 130 -12.86 15.31 -1.71
CA ALA A 130 -14.05 14.79 -1.04
C ALA A 130 -15.29 15.34 -1.69
N PRO A 131 -16.39 14.59 -1.63
CA PRO A 131 -17.65 15.17 -2.11
C PRO A 131 -18.19 16.23 -1.15
N ILE A 132 -18.77 17.30 -1.70
CA ILE A 132 -19.64 18.16 -0.92
C ILE A 132 -20.84 17.30 -0.54
N PRO A 133 -21.29 17.37 0.73
CA PRO A 133 -22.40 16.48 1.09
C PRO A 133 -23.69 16.82 0.34
N ASP A 134 -24.13 15.87 -0.47
CA ASP A 134 -25.41 15.96 -1.17
C ASP A 134 -25.88 14.57 -1.60
N ALA A 135 -26.92 14.52 -2.44
CA ALA A 135 -27.52 13.26 -2.87
C ALA A 135 -26.54 12.32 -3.58
N ARG A 136 -25.47 12.90 -4.14
CA ARG A 136 -24.48 12.09 -4.84
C ARG A 136 -23.80 11.07 -3.93
N ILE A 137 -23.70 11.36 -2.63
CA ILE A 137 -23.00 10.44 -1.73
C ILE A 137 -23.75 9.11 -1.59
N TYR A 138 -25.05 9.11 -1.89
CA TYR A 138 -25.83 7.88 -1.81
C TYR A 138 -25.66 6.98 -3.03
N ARG A 139 -24.89 7.44 -4.01
CA ARG A 139 -24.67 6.65 -5.21
C ARG A 139 -23.33 5.92 -5.23
N PHE A 140 -22.47 6.21 -4.27
CA PHE A 140 -21.18 5.52 -4.15
C PHE A 140 -21.44 4.07 -3.75
N PRO A 141 -20.68 3.12 -4.33
CA PRO A 141 -20.95 1.71 -4.06
C PRO A 141 -20.32 1.19 -2.75
N ALA A 142 -20.94 0.16 -2.18
CA ALA A 142 -20.42 -0.46 -0.96
C ALA A 142 -19.21 -1.34 -1.24
N PHE A 143 -19.10 -1.84 -2.47
CA PHE A 143 -18.08 -2.82 -2.81
C PHE A 143 -17.78 -2.70 -4.30
N THR A 144 -16.53 -2.90 -4.69
CA THR A 144 -16.15 -2.78 -6.09
C THR A 144 -15.48 -4.05 -6.63
N ALA A 145 -15.41 -4.16 -7.94
N ALA A 145 -15.51 -4.20 -7.95
CA ALA A 145 -14.77 -5.31 -8.59
CA ALA A 145 -14.95 -5.36 -8.63
C ALA A 145 -13.27 -5.44 -8.27
C ALA A 145 -13.44 -5.24 -8.69
N GLN A 146 -12.70 -4.45 -7.59
N GLN A 146 -12.99 -4.06 -9.06
CA GLN A 146 -11.28 -4.44 -7.20
CA GLN A 146 -11.56 -3.76 -9.12
C GLN A 146 -11.06 -4.74 -5.72
C GLN A 146 -11.26 -2.64 -8.15
N GLY A 147 -12.08 -4.46 -4.91
N GLY A 147 -10.08 -2.73 -7.52
CA GLY A 147 -12.03 -4.65 -3.48
CA GLY A 147 -9.71 -1.80 -6.47
C GLY A 147 -12.79 -3.55 -2.75
C GLY A 147 -10.60 -2.03 -5.26
N GLU A 148 -12.29 -3.15 -1.57
N GLU A 148 -10.86 -0.95 -4.52
CA GLU A 148 -13.02 -2.17 -0.77
CA GLU A 148 -11.68 -1.04 -3.31
C GLU A 148 -13.24 -0.85 -1.51
C GLU A 148 -12.63 0.15 -3.24
N SER A 149 -14.42 -0.25 -1.32
N SER A 149 -13.80 -0.08 -2.66
CA SER A 149 -14.82 0.97 -2.03
CA SER A 149 -14.76 1.00 -2.40
C SER A 149 -14.28 2.22 -1.37
C SER A 149 -14.13 2.14 -1.61
N LEU A 150 -14.41 3.36 -2.05
CA LEU A 150 -13.85 4.58 -1.50
C LEU A 150 -14.49 5.01 -0.20
N VAL A 151 -15.80 4.87 -0.09
CA VAL A 151 -16.48 5.46 1.07
C VAL A 151 -17.35 4.51 1.90
N TRP A 152 -17.03 3.22 1.89
CA TRP A 152 -17.76 2.30 2.77
C TRP A 152 -17.65 2.70 4.23
N HIS A 153 -16.56 3.40 4.57
CA HIS A 153 -16.35 3.85 5.94
C HIS A 153 -17.40 4.85 6.42
N PHE A 154 -18.11 5.50 5.50
CA PHE A 154 -19.20 6.39 5.88
C PHE A 154 -20.19 5.61 6.76
N SER A 155 -20.54 4.40 6.34
CA SER A 155 -21.47 3.57 7.13
C SER A 155 -20.86 3.08 8.44
N PHE A 156 -19.61 2.64 8.38
CA PHE A 156 -18.89 2.16 9.57
C PHE A 156 -18.86 3.26 10.62
N PHE A 157 -18.43 4.46 10.22
CA PHE A 157 -18.27 5.56 11.17
C PHE A 157 -19.62 6.09 11.65
N ALA A 158 -20.66 6.02 10.82
CA ALA A 158 -21.96 6.55 11.21
C ALA A 158 -22.79 5.58 12.04
N ALA A 159 -22.36 4.31 12.09
CA ALA A 159 -23.13 3.26 12.76
C ALA A 159 -23.42 3.56 14.23
N ASP A 160 -24.61 3.17 14.70
CA ASP A 160 -25.01 3.35 16.10
C ASP A 160 -24.16 2.51 17.06
N ASP A 161 -24.46 2.64 18.35
CA ASP A 161 -23.82 1.83 19.40
C ASP A 161 -22.33 2.10 19.54
N ARG A 162 -21.86 3.25 19.05
CA ARG A 162 -20.43 3.56 19.05
C ARG A 162 -19.62 2.39 18.49
N LEU A 163 -20.12 1.81 17.40
CA LEU A 163 -19.46 0.66 16.79
C LEU A 163 -18.00 0.95 16.46
N ALA A 164 -17.75 2.05 15.77
CA ALA A 164 -16.39 2.37 15.35
C ALA A 164 -15.42 2.65 16.52
N GLU A 165 -15.80 3.49 17.49
CA GLU A 165 -14.93 3.71 18.65
C GLU A 165 -14.67 2.44 19.41
N THR A 166 -15.70 1.60 19.52
CA THR A 166 -15.56 0.39 20.33
C THR A 166 -14.57 -0.57 19.71
N LEU A 167 -14.61 -0.68 18.38
CA LEU A 167 -13.67 -1.55 17.67
C LEU A 167 -12.26 -0.96 17.56
N ILE A 168 -12.18 0.36 17.37
CA ILE A 168 -10.90 1.00 17.04
C ILE A 168 -10.08 1.47 18.25
N ALA A 169 -10.74 1.73 19.37
CA ALA A 169 -10.01 2.16 20.57
C ALA A 169 -8.91 1.15 20.93
N GLY A 170 -7.70 1.67 21.11
CA GLY A 170 -6.56 0.83 21.42
C GLY A 170 -5.86 0.24 20.20
N LYS A 171 -6.49 0.35 19.05
CA LYS A 171 -5.92 -0.12 17.77
C LYS A 171 -5.87 1.04 16.78
N GLU A 172 -5.79 2.26 17.30
CA GLU A 172 -5.85 3.45 16.46
C GLU A 172 -4.71 3.52 15.45
N ARG A 173 -3.51 3.15 15.89
CA ARG A 173 -2.33 3.23 15.05
C ARG A 173 -2.39 2.20 13.91
N PHE A 174 -2.87 1.01 14.21
CA PHE A 174 -3.10 -0.01 13.19
C PHE A 174 -4.16 0.45 12.18
N PHE A 175 -5.27 0.95 12.70
CA PHE A 175 -6.37 1.35 11.83
C PHE A 175 -5.97 2.49 10.90
N LEU A 176 -5.33 3.52 11.46
CA LEU A 176 -5.00 4.65 10.64
C LEU A 176 -3.99 4.31 9.52
N GLU A 177 -3.03 3.42 9.79
CA GLU A 177 -2.10 3.05 8.73
C GLU A 177 -2.87 2.37 7.59
N HIS A 178 -3.79 1.49 7.94
CA HIS A 178 -4.58 0.82 6.90
C HIS A 178 -5.47 1.82 6.15
N PHE A 179 -6.16 2.68 6.89
CA PHE A 179 -7.04 3.63 6.25
C PHE A 179 -6.28 4.55 5.29
N ILE A 180 -5.15 5.09 5.76
CA ILE A 180 -4.39 6.01 4.94
C ILE A 180 -3.80 5.31 3.70
N LYS A 181 -3.09 4.21 3.90
CA LYS A 181 -2.46 3.55 2.76
C LYS A 181 -3.48 3.02 1.74
N SER A 182 -4.64 2.56 2.23
CA SER A 182 -5.68 2.05 1.33
C SER A 182 -6.28 3.15 0.46
N HIS A 183 -6.15 4.41 0.90
CA HIS A 183 -6.61 5.55 0.13
C HIS A 183 -5.47 6.29 -0.59
N ALA A 184 -4.30 5.66 -0.66
CA ALA A 184 -3.11 6.28 -1.28
C ALA A 184 -2.65 5.57 -2.57
N SER A 185 -1.99 6.35 -3.42
CA SER A 185 -1.27 5.81 -4.59
C SER A 185 0.21 5.73 -4.23
N ASN A 186 0.74 6.82 -3.71
CA ASN A 186 2.12 6.88 -3.25
CA ASN A 186 2.12 6.88 -3.26
C ASN A 186 2.20 6.60 -1.76
N THR A 187 2.14 5.33 -1.38
CA THR A 187 2.09 4.98 0.04
C THR A 187 3.40 5.25 0.78
N GLU A 188 4.49 5.33 0.02
CA GLU A 188 5.83 5.43 0.59
CA GLU A 188 5.83 5.44 0.58
C GLU A 188 6.05 6.67 1.46
N VAL A 189 5.26 7.73 1.23
CA VAL A 189 5.42 8.95 2.03
C VAL A 189 4.88 8.80 3.46
N PHE A 190 4.10 7.76 3.70
CA PHE A 190 3.57 7.52 5.03
C PHE A 190 4.49 6.64 5.85
N SER A 191 5.61 7.23 6.27
CA SER A 191 6.57 6.56 7.12
C SER A 191 5.93 6.13 8.44
N GLU A 192 6.52 5.13 9.08
CA GLU A 192 6.06 4.73 10.40
C GLU A 192 6.12 5.90 11.38
N ARG A 193 7.14 6.74 11.24
CA ARG A 193 7.29 7.91 12.10
C ARG A 193 6.14 8.91 11.95
N LEU A 194 5.74 9.15 10.70
CA LEU A 194 4.67 10.09 10.41
C LEU A 194 3.32 9.53 10.86
N LEU A 195 3.11 8.24 10.62
CA LEU A 195 1.89 7.59 11.05
C LEU A 195 1.80 7.60 12.58
N ASP A 196 2.94 7.45 13.26
CA ASP A 196 2.96 7.52 14.71
C ASP A 196 2.40 8.88 15.20
N LEU A 197 2.83 9.95 14.53
CA LEU A 197 2.41 11.31 14.90
C LEU A 197 0.90 11.51 14.73
N TYR A 198 0.39 11.14 13.57
CA TYR A 198 -1.05 11.26 13.35
C TYR A 198 -1.86 10.37 14.28
N ALA A 199 -1.41 9.15 14.51
CA ALA A 199 -2.20 8.24 15.32
C ALA A 199 -2.27 8.69 16.77
N ARG A 200 -1.17 9.27 17.28
CA ARG A 200 -1.16 9.69 18.67
C ARG A 200 -2.20 10.77 18.90
N SER A 201 -2.38 11.63 17.90
CA SER A 201 -3.34 12.72 18.03
C SER A 201 -4.78 12.21 18.00
N TYR A 202 -5.12 11.37 17.03
CA TYR A 202 -6.53 10.98 16.94
C TYR A 202 -6.92 9.88 17.94
N ALA A 203 -5.92 9.31 18.62
CA ALA A 203 -6.16 8.35 19.71
C ALA A 203 -6.64 8.97 21.01
N LYS A 204 -6.49 10.29 21.19
CA LYS A 204 -7.12 10.96 22.33
C LYS A 204 -8.61 10.61 22.27
N PRO A 205 -9.17 10.09 23.37
CA PRO A 205 -10.54 9.58 23.28
C PRO A 205 -11.56 10.59 22.74
N HIS A 206 -11.43 11.87 23.10
CA HIS A 206 -12.38 12.85 22.57
C HIS A 206 -12.17 13.08 21.08
N SER A 207 -10.95 12.84 20.60
CA SER A 207 -10.65 13.03 19.18
C SER A 207 -11.12 11.87 18.32
N LEU A 208 -10.99 10.65 18.85
CA LEU A 208 -11.49 9.47 18.17
C LEU A 208 -13.00 9.58 18.01
N ASN A 209 -13.67 9.97 19.08
CA ASN A 209 -15.11 10.17 19.01
C ASN A 209 -15.50 11.32 18.08
N ALA A 210 -14.83 12.45 18.21
CA ALA A 210 -15.12 13.60 17.34
C ALA A 210 -15.02 13.21 15.87
N SER A 211 -13.99 12.44 15.53
CA SER A 211 -13.79 12.01 14.13
C SER A 211 -15.08 11.41 13.59
N PHE A 212 -15.68 10.51 14.36
CA PHE A 212 -16.83 9.76 13.87
C PHE A 212 -18.10 10.59 13.93
N GLU A 213 -18.17 11.57 14.83
CA GLU A 213 -19.35 12.41 14.91
C GLU A 213 -19.59 13.23 13.64
N TYR A 214 -18.52 13.57 12.92
CA TYR A 214 -18.67 14.25 11.62
C TYR A 214 -19.47 13.38 10.65
N TYR A 215 -19.28 12.07 10.73
CA TYR A 215 -19.97 11.12 9.85
C TYR A 215 -21.39 10.86 10.33
N ARG A 216 -21.56 10.82 11.66
CA ARG A 216 -22.90 10.71 12.24
C ARG A 216 -23.76 11.92 11.92
N ALA A 217 -23.12 13.04 11.56
CA ALA A 217 -23.85 14.25 11.18
C ALA A 217 -23.96 14.44 9.66
N LEU A 218 -23.41 13.51 8.90
CA LEU A 218 -23.37 13.65 7.44
C LEU A 218 -24.75 13.80 6.79
N ASN A 219 -25.72 12.99 7.22
CA ASN A 219 -27.06 13.08 6.63
C ASN A 219 -27.70 14.43 6.92
N GLU A 220 -27.46 14.95 8.13
CA GLU A 220 -27.90 16.30 8.47
C GLU A 220 -27.27 17.34 7.54
N SER A 221 -25.97 17.20 7.28
CA SER A 221 -25.26 18.11 6.39
C SER A 221 -25.82 18.04 4.96
N VAL A 222 -26.11 16.84 4.47
CA VAL A 222 -26.78 16.69 3.18
C VAL A 222 -28.11 17.47 3.14
N ARG A 223 -28.90 17.36 4.20
CA ARG A 223 -30.18 18.07 4.26
C ARG A 223 -29.95 19.59 4.28
N GLN A 224 -28.98 20.03 5.07
CA GLN A 224 -28.64 21.46 5.12
C GLN A 224 -28.23 21.98 3.74
N ASN A 225 -27.39 21.23 3.05
CA ASN A 225 -26.84 21.67 1.76
C ASN A 225 -27.84 21.68 0.61
N ALA A 226 -28.94 20.94 0.78
CA ALA A 226 -29.99 20.90 -0.23
C ALA A 226 -30.62 22.28 -0.38
N GLU A 227 -30.73 22.99 0.74
CA GLU A 227 -31.25 24.36 0.74
C GLU A 227 -30.18 25.35 0.30
N LEU A 228 -28.98 25.20 0.86
CA LEU A 228 -27.88 26.13 0.59
C LEU A 228 -27.53 26.18 -0.89
N ALA A 229 -27.60 25.03 -1.56
CA ALA A 229 -27.15 24.89 -2.94
C ALA A 229 -28.07 25.60 -3.95
N LYS A 230 -29.18 26.16 -3.48
CA LYS A 230 -30.04 26.95 -4.34
C LYS A 230 -29.38 28.27 -4.76
N THR A 231 -28.28 28.60 -4.10
CA THR A 231 -27.44 29.74 -4.45
C THR A 231 -26.06 29.30 -4.91
N ARG A 232 -25.74 29.52 -6.18
CA ARG A 232 -24.45 29.10 -6.71
C ARG A 232 -23.30 29.96 -6.21
N LEU A 233 -22.11 29.36 -6.11
CA LEU A 233 -20.90 30.07 -5.73
C LEU A 233 -20.39 30.96 -6.85
N GLN A 234 -20.06 32.19 -6.53
CA GLN A 234 -19.66 33.18 -7.53
C GLN A 234 -18.16 33.47 -7.59
N MET A 235 -17.41 33.07 -6.57
CA MET A 235 -15.99 33.42 -6.52
C MET A 235 -15.15 32.42 -7.31
N PRO A 236 -13.94 32.84 -7.73
CA PRO A 236 -13.07 31.90 -8.44
C PRO A 236 -12.79 30.66 -7.62
N THR A 237 -12.96 29.49 -8.23
CA THR A 237 -12.80 28.22 -7.55
C THR A 237 -11.89 27.26 -8.32
N MET A 238 -11.06 26.50 -7.60
CA MET A 238 -10.30 25.42 -8.21
C MET A 238 -10.54 24.12 -7.44
N THR A 239 -10.71 23.00 -8.16
CA THR A 239 -10.76 21.69 -7.51
C THR A 239 -9.53 20.87 -7.87
N LEU A 240 -9.05 20.09 -6.91
CA LEU A 240 -8.02 19.09 -7.14
C LEU A 240 -8.49 17.70 -6.68
N ALA A 241 -8.06 16.66 -7.39
CA ALA A 241 -8.38 15.29 -7.02
C ALA A 241 -7.22 14.40 -7.44
N GLY A 242 -7.02 13.29 -6.75
CA GLY A 242 -6.05 12.32 -7.20
C GLY A 242 -6.62 11.44 -8.28
N GLY A 243 -5.79 11.09 -9.26
CA GLY A 243 -6.17 10.17 -10.33
C GLY A 243 -5.72 8.74 -10.08
N GLY A 244 -4.94 8.56 -9.03
CA GLY A 244 -4.44 7.24 -8.67
C GLY A 244 -5.33 6.53 -7.67
N HIS A 245 -4.85 5.39 -7.16
CA HIS A 245 -5.59 4.62 -6.18
C HIS A 245 -6.05 5.45 -5.00
N GLY A 246 -7.33 5.36 -4.66
CA GLY A 246 -7.84 6.06 -3.48
C GLY A 246 -8.32 7.47 -3.74
N GLY A 247 -8.13 7.96 -4.96
CA GLY A 247 -8.52 9.33 -5.29
C GLY A 247 -9.92 9.44 -5.85
N MET A 248 -10.43 10.68 -5.88
CA MET A 248 -11.79 10.95 -6.34
C MET A 248 -11.91 11.08 -7.86
N GLY A 249 -10.77 11.28 -8.53
CA GLY A 249 -10.75 11.37 -9.98
C GLY A 249 -11.66 12.47 -10.53
N THR A 250 -12.38 12.18 -11.60
CA THR A 250 -13.17 13.21 -12.27
C THR A 250 -14.40 13.65 -11.48
N PHE A 251 -14.76 12.92 -10.43
CA PHE A 251 -15.95 13.27 -9.65
C PHE A 251 -15.86 14.67 -9.05
N GLN A 252 -14.66 15.05 -8.62
CA GLN A 252 -14.49 16.29 -7.88
C GLN A 252 -14.93 17.50 -8.72
N LEU A 253 -14.38 17.62 -9.91
CA LEU A 253 -14.74 18.71 -10.81
C LEU A 253 -16.20 18.59 -11.27
N GLU A 254 -16.64 17.39 -11.59
CA GLU A 254 -17.98 17.23 -12.14
C GLU A 254 -19.06 17.66 -11.13
N GLN A 255 -18.86 17.33 -9.85
CA GLN A 255 -19.79 17.79 -8.83
C GLN A 255 -19.70 19.30 -8.66
N MET A 256 -18.48 19.83 -8.63
CA MET A 256 -18.28 21.27 -8.38
C MET A 256 -18.92 22.15 -9.44
N LYS A 257 -18.99 21.65 -10.68
CA LYS A 257 -19.68 22.39 -11.74
C LYS A 257 -21.13 22.72 -11.40
N ALA A 258 -21.78 21.87 -10.60
CA ALA A 258 -23.16 22.13 -10.19
C ALA A 258 -23.23 23.25 -9.15
N TYR A 259 -22.12 23.51 -8.48
CA TYR A 259 -22.08 24.44 -7.36
C TYR A 259 -21.47 25.80 -7.68
N ALA A 260 -20.62 25.86 -8.71
CA ALA A 260 -19.81 27.06 -8.94
C ALA A 260 -19.92 27.59 -10.37
N GLU A 261 -19.97 28.91 -10.51
CA GLU A 261 -20.04 29.52 -11.83
C GLU A 261 -18.66 29.54 -12.51
N ASP A 262 -17.62 29.67 -11.70
CA ASP A 262 -16.27 29.89 -12.18
C ASP A 262 -15.37 28.82 -11.54
N VAL A 263 -15.16 27.70 -12.24
CA VAL A 263 -14.36 26.62 -11.68
C VAL A 263 -13.41 25.97 -12.69
N GLU A 264 -12.18 25.72 -12.24
CA GLU A 264 -11.25 24.90 -13.02
C GLU A 264 -10.83 23.72 -12.16
N GLY A 265 -10.66 22.57 -12.78
CA GLY A 265 -10.34 21.37 -12.03
C GLY A 265 -9.11 20.66 -12.58
N HIS A 266 -8.40 19.99 -11.68
CA HIS A 266 -7.25 19.18 -12.05
C HIS A 266 -7.31 17.80 -11.40
N VAL A 267 -6.95 16.79 -12.18
CA VAL A 267 -6.75 15.45 -11.64
C VAL A 267 -5.26 15.14 -11.72
N LEU A 268 -4.67 14.77 -10.60
CA LEU A 268 -3.22 14.57 -10.52
C LEU A 268 -2.89 13.09 -10.64
N PRO A 269 -2.22 12.71 -11.75
CA PRO A 269 -1.95 11.28 -11.98
C PRO A 269 -0.97 10.75 -10.97
N GLY A 270 -1.12 9.49 -10.57
CA GLY A 270 -0.17 8.88 -9.67
C GLY A 270 -0.30 9.34 -8.22
N CYS A 271 -1.42 9.97 -7.91
CA CYS A 271 -1.69 10.52 -6.57
C CYS A 271 -3.05 10.07 -6.11
N GLY A 272 -3.16 9.69 -4.84
CA GLY A 272 -4.42 9.25 -4.27
C GLY A 272 -5.16 10.33 -3.52
N HIS A 273 -5.66 9.98 -2.34
CA HIS A 273 -6.45 10.92 -1.53
C HIS A 273 -5.61 12.01 -0.86
N TRP A 274 -4.39 11.65 -0.48
CA TRP A 274 -3.60 12.48 0.43
C TRP A 274 -2.67 13.43 -0.32
N LEU A 275 -3.26 14.32 -1.12
CA LEU A 275 -2.48 15.13 -2.07
C LEU A 275 -1.28 15.91 -1.48
N PRO A 276 -1.47 16.59 -0.34
CA PRO A 276 -0.31 17.39 0.12
C PRO A 276 0.94 16.57 0.43
N GLU A 277 0.75 15.30 0.78
CA GLU A 277 1.88 14.46 1.15
C GLU A 277 2.32 13.55 0.00
N GLU A 278 1.35 13.00 -0.72
CA GLU A 278 1.68 12.11 -1.83
C GLU A 278 2.30 12.81 -3.02
N CYS A 279 1.87 14.05 -3.25
CA CYS A 279 2.25 14.77 -4.46
C CYS A 279 2.43 16.25 -4.13
N ALA A 280 3.28 16.50 -3.13
CA ALA A 280 3.53 17.86 -2.63
C ALA A 280 3.93 18.86 -3.71
N ALA A 281 4.88 18.50 -4.58
CA ALA A 281 5.36 19.46 -5.56
C ALA A 281 4.28 19.96 -6.54
N PRO A 282 3.60 19.05 -7.26
CA PRO A 282 2.59 19.61 -8.17
C PRO A 282 1.38 20.21 -7.46
N MET A 283 1.00 19.68 -6.29
CA MET A 283 -0.16 20.20 -5.60
C MET A 283 0.15 21.59 -5.08
N ASN A 284 1.32 21.74 -4.44
CA ASN A 284 1.67 23.04 -3.88
C ASN A 284 1.73 24.11 -4.97
N ARG A 285 2.29 23.73 -6.13
CA ARG A 285 2.41 24.66 -7.26
C ARG A 285 1.03 25.08 -7.75
N LEU A 286 0.13 24.12 -7.88
CA LEU A 286 -1.22 24.44 -8.35
C LEU A 286 -1.91 25.41 -7.40
N VAL A 287 -1.79 25.16 -6.10
CA VAL A 287 -2.45 26.01 -5.10
C VAL A 287 -1.85 27.42 -5.04
N ILE A 288 -0.52 27.51 -4.97
CA ILE A 288 0.16 28.81 -4.92
C ILE A 288 -0.13 29.66 -6.15
N ASP A 289 -0.07 29.05 -7.33
CA ASP A 289 -0.37 29.78 -8.57
C ASP A 289 -1.82 30.28 -8.60
N PHE A 290 -2.76 29.43 -8.18
CA PHE A 290 -4.17 29.81 -8.25
C PHE A 290 -4.47 30.98 -7.31
N LEU A 291 -3.92 30.91 -6.10
CA LEU A 291 -4.14 31.96 -5.10
C LEU A 291 -3.40 33.24 -5.45
N SER A 292 -2.29 33.11 -6.17
CA SER A 292 -1.49 34.28 -6.51
C SER A 292 -2.03 35.08 -7.71
N ARG A 293 -3.11 34.61 -8.31
CA ARG A 293 -3.79 35.37 -9.36
C ARG A 293 -4.42 36.63 -8.77
N ALA B 1 -17.22 -32.55 22.64
CA ALA B 1 -17.80 -31.27 22.99
C ALA B 1 -18.57 -30.67 21.82
N GLU B 2 -19.83 -30.36 22.05
CA GLU B 2 -20.68 -29.77 21.01
C GLU B 2 -20.87 -28.29 21.25
N GLU B 3 -20.65 -27.50 20.21
CA GLU B 3 -20.85 -26.06 20.32
C GLU B 3 -22.32 -25.69 20.51
N PHE B 4 -23.21 -26.48 19.91
CA PHE B 4 -24.66 -26.26 19.98
C PHE B 4 -25.40 -27.56 20.28
N PRO B 5 -26.54 -27.48 20.98
CA PRO B 5 -27.26 -28.70 21.36
C PRO B 5 -27.93 -29.42 20.18
N VAL B 6 -27.75 -30.74 20.13
CA VAL B 6 -28.32 -31.53 19.05
C VAL B 6 -29.78 -31.90 19.35
N PRO B 7 -30.67 -31.75 18.34
CA PRO B 7 -32.07 -32.14 18.54
C PRO B 7 -32.22 -33.64 18.75
N ASN B 8 -33.24 -34.05 19.51
CA ASN B 8 -33.53 -35.46 19.68
C ASN B 8 -33.73 -36.14 18.33
N GLY B 9 -33.14 -37.32 18.16
CA GLY B 9 -33.26 -38.06 16.92
C GLY B 9 -32.21 -37.70 15.88
N PHE B 10 -31.34 -36.75 16.22
CA PHE B 10 -30.26 -36.37 15.32
C PHE B 10 -28.92 -36.77 15.91
N GLU B 11 -27.92 -36.88 15.03
CA GLU B 11 -26.55 -37.15 15.47
C GLU B 11 -25.58 -36.11 14.94
N SER B 12 -24.66 -35.69 15.79
CA SER B 12 -23.53 -34.85 15.39
C SER B 12 -22.40 -35.77 14.95
N ALA B 13 -21.92 -35.59 13.73
CA ALA B 13 -20.90 -36.48 13.17
C ALA B 13 -19.94 -35.74 12.25
N TYR B 14 -18.95 -36.46 11.75
CA TYR B 14 -17.93 -35.88 10.87
C TYR B 14 -17.67 -36.80 9.70
N ARG B 15 -17.34 -36.21 8.55
CA ARG B 15 -16.84 -36.98 7.41
C ARG B 15 -15.64 -36.25 6.78
N GLU B 16 -14.63 -37.02 6.39
CA GLU B 16 -13.52 -36.44 5.65
C GLU B 16 -13.90 -36.31 4.19
N VAL B 17 -13.73 -35.12 3.65
CA VAL B 17 -13.99 -34.86 2.24
C VAL B 17 -12.78 -34.14 1.66
N ASP B 18 -12.09 -34.79 0.71
CA ASP B 18 -10.88 -34.24 0.13
C ASP B 18 -9.89 -33.74 1.20
N GLY B 19 -9.68 -34.55 2.23
CA GLY B 19 -8.72 -34.21 3.27
C GLY B 19 -9.17 -33.18 4.27
N VAL B 20 -10.44 -32.75 4.18
CA VAL B 20 -11.00 -31.77 5.11
C VAL B 20 -12.07 -32.41 5.99
N LYS B 21 -11.94 -32.30 7.31
CA LYS B 21 -12.89 -32.92 8.22
C LYS B 21 -14.11 -32.02 8.41
N LEU B 22 -15.24 -32.42 7.84
CA LEU B 22 -16.45 -31.60 7.90
C LEU B 22 -17.37 -32.07 9.00
N HIS B 23 -17.86 -31.12 9.80
CA HIS B 23 -18.89 -31.40 10.81
C HIS B 23 -20.31 -31.28 10.23
N TYR B 24 -21.21 -32.14 10.67
CA TYR B 24 -22.62 -32.00 10.27
C TYR B 24 -23.54 -32.60 11.32
N VAL B 25 -24.82 -32.23 11.24
CA VAL B 25 -25.84 -32.83 12.09
C VAL B 25 -26.89 -33.45 11.19
N LYS B 26 -27.20 -34.73 11.45
CA LYS B 26 -28.01 -35.53 10.54
C LYS B 26 -29.09 -36.34 11.26
N GLY B 27 -30.26 -36.43 10.63
CA GLY B 27 -31.35 -37.23 11.15
C GLY B 27 -32.43 -37.43 10.11
N GLY B 28 -33.36 -38.35 10.38
CA GLY B 28 -34.51 -38.55 9.51
C GLY B 28 -34.36 -39.72 8.57
N GLN B 29 -35.39 -39.93 7.76
CA GLN B 29 -35.41 -41.00 6.78
C GLN B 29 -36.06 -40.48 5.51
N GLY B 30 -35.63 -41.00 4.36
CA GLY B 30 -36.18 -40.59 3.09
C GLY B 30 -35.12 -39.93 2.23
N PRO B 31 -35.53 -39.31 1.13
CA PRO B 31 -34.61 -38.60 0.25
C PRO B 31 -33.88 -37.49 1.00
N LEU B 32 -32.68 -37.16 0.55
CA LEU B 32 -31.81 -36.25 1.29
C LEU B 32 -32.13 -34.78 1.04
N VAL B 33 -32.16 -33.99 2.11
CA VAL B 33 -32.16 -32.54 2.00
CA VAL B 33 -32.17 -32.53 2.02
C VAL B 33 -30.97 -31.99 2.78
N MET B 34 -30.15 -31.17 2.10
CA MET B 34 -29.00 -30.54 2.74
C MET B 34 -29.33 -29.08 3.03
N LEU B 35 -29.10 -28.65 4.27
CA LEU B 35 -29.37 -27.27 4.71
C LEU B 35 -28.05 -26.59 4.98
N VAL B 36 -27.79 -25.46 4.30
CA VAL B 36 -26.48 -24.80 4.37
C VAL B 36 -26.57 -23.39 4.94
N HIS B 37 -25.98 -23.19 6.11
CA HIS B 37 -25.99 -21.90 6.81
C HIS B 37 -25.10 -20.82 6.17
N GLY B 38 -25.13 -19.63 6.78
CA GLY B 38 -24.35 -18.50 6.30
C GLY B 38 -23.53 -17.80 7.38
N PHE B 39 -23.15 -16.55 7.11
CA PHE B 39 -22.22 -15.82 7.97
C PHE B 39 -22.79 -15.56 9.36
N GLY B 40 -21.92 -15.68 10.36
CA GLY B 40 -22.28 -15.36 11.74
C GLY B 40 -22.95 -16.53 12.43
N GLN B 41 -23.16 -17.60 11.68
CA GLN B 41 -23.95 -18.71 12.19
C GLN B 41 -23.32 -20.06 11.87
N THR B 42 -24.05 -21.13 12.16
CA THR B 42 -23.58 -22.50 11.95
C THR B 42 -24.79 -23.36 11.60
N TRP B 43 -24.61 -24.67 11.54
CA TRP B 43 -25.73 -25.60 11.33
C TRP B 43 -26.95 -25.28 12.21
N TYR B 44 -26.70 -24.75 13.41
CA TYR B 44 -27.74 -24.57 14.42
C TYR B 44 -28.87 -23.63 14.01
N GLU B 45 -28.63 -22.74 13.05
CA GLU B 45 -29.74 -21.88 12.61
C GLU B 45 -30.91 -22.71 12.08
N TRP B 46 -30.62 -23.93 11.65
CA TRP B 46 -31.64 -24.81 11.09
C TRP B 46 -32.31 -25.73 12.13
N HIS B 47 -31.99 -25.55 13.42
CA HIS B 47 -32.41 -26.53 14.43
C HIS B 47 -33.92 -26.64 14.67
N GLN B 48 -34.68 -25.60 14.32
CA GLN B 48 -36.13 -25.64 14.46
C GLN B 48 -36.78 -26.30 13.23
N LEU B 49 -36.20 -26.07 12.05
CA LEU B 49 -36.73 -26.66 10.83
C LEU B 49 -36.43 -28.16 10.75
N MET B 50 -35.28 -28.55 11.29
CA MET B 50 -34.77 -29.91 11.13
C MET B 50 -35.70 -31.06 11.59
N PRO B 51 -36.25 -31.00 12.82
CA PRO B 51 -37.11 -32.13 13.20
C PRO B 51 -38.40 -32.22 12.38
N GLU B 52 -38.89 -31.08 11.88
CA GLU B 52 -40.08 -31.08 11.04
C GLU B 52 -39.80 -31.73 9.68
N LEU B 53 -38.69 -31.35 9.06
CA LEU B 53 -38.29 -31.94 7.79
C LEU B 53 -37.97 -33.42 7.92
N ALA B 54 -37.47 -33.81 9.09
CA ALA B 54 -36.99 -35.17 9.29
C ALA B 54 -38.12 -36.19 9.32
N LYS B 55 -39.37 -35.71 9.37
CA LYS B 55 -40.51 -36.61 9.32
C LYS B 55 -40.71 -37.17 7.91
N ARG B 56 -40.11 -36.52 6.93
CA ARG B 56 -40.34 -36.85 5.52
C ARG B 56 -39.04 -37.04 4.73
N PHE B 57 -37.93 -36.54 5.27
CA PHE B 57 -36.65 -36.56 4.57
C PHE B 57 -35.49 -36.97 5.49
N THR B 58 -34.41 -37.47 4.89
CA THR B 58 -33.14 -37.51 5.59
C THR B 58 -32.56 -36.09 5.52
N VAL B 59 -32.22 -35.52 6.67
CA VAL B 59 -31.80 -34.12 6.74
C VAL B 59 -30.35 -34.00 7.19
N ILE B 60 -29.53 -33.30 6.42
CA ILE B 60 -28.15 -33.05 6.84
C ILE B 60 -27.86 -31.54 6.85
N ALA B 61 -27.26 -31.08 7.94
CA ALA B 61 -26.90 -29.66 8.06
C ALA B 61 -25.44 -29.54 8.41
N PRO B 62 -24.58 -29.26 7.41
CA PRO B 62 -23.14 -29.17 7.67
C PRO B 62 -22.71 -27.79 8.15
N ASP B 63 -21.58 -27.75 8.86
CA ASP B 63 -20.89 -26.48 9.10
C ASP B 63 -20.00 -26.18 7.89
N LEU B 64 -20.07 -24.95 7.39
CA LEU B 64 -19.23 -24.52 6.27
C LEU B 64 -17.77 -24.67 6.68
N PRO B 65 -16.91 -25.01 5.71
CA PRO B 65 -15.47 -25.14 6.00
C PRO B 65 -14.92 -23.94 6.79
N GLY B 66 -14.24 -24.23 7.89
CA GLY B 66 -13.65 -23.19 8.72
C GLY B 66 -14.56 -22.69 9.82
N LEU B 67 -15.86 -22.91 9.65
CA LEU B 67 -16.86 -22.41 10.59
C LEU B 67 -17.43 -23.55 11.42
N GLY B 68 -18.10 -23.22 12.52
CA GLY B 68 -18.62 -24.21 13.45
C GLY B 68 -17.50 -25.16 13.82
N GLN B 69 -17.75 -26.45 13.63
CA GLN B 69 -16.76 -27.48 13.97
C GLN B 69 -16.11 -28.10 12.72
N SER B 70 -16.24 -27.44 11.58
CA SER B 70 -15.60 -27.94 10.35
C SER B 70 -14.20 -27.37 10.15
N GLU B 71 -13.29 -28.21 9.66
CA GLU B 71 -11.94 -27.74 9.34
C GLU B 71 -11.99 -26.75 8.17
N PRO B 72 -11.02 -25.83 8.12
CA PRO B 72 -10.93 -24.90 6.98
C PRO B 72 -10.68 -25.66 5.67
N PRO B 73 -11.07 -25.06 4.54
CA PRO B 73 -10.81 -25.69 3.25
C PRO B 73 -9.31 -25.75 3.00
N LYS B 74 -8.86 -26.80 2.32
CA LYS B 74 -7.45 -26.93 1.97
C LYS B 74 -7.17 -26.42 0.56
N THR B 75 -8.23 -26.15 -0.20
CA THR B 75 -8.07 -25.51 -1.50
C THR B 75 -8.18 -24.00 -1.39
N GLY B 76 -9.39 -23.51 -1.11
CA GLY B 76 -9.62 -22.09 -1.00
C GLY B 76 -11.07 -21.79 -0.65
N TYR B 77 -11.39 -20.50 -0.54
CA TYR B 77 -12.71 -20.08 -0.07
C TYR B 77 -13.62 -19.53 -1.18
N SER B 78 -13.19 -19.63 -2.44
CA SER B 78 -14.04 -19.19 -3.54
C SER B 78 -15.23 -20.14 -3.64
N GLY B 79 -16.31 -19.68 -4.27
CA GLY B 79 -17.53 -20.46 -4.34
C GLY B 79 -17.32 -21.81 -5.00
N GLU B 80 -16.56 -21.84 -6.10
CA GLU B 80 -16.32 -23.12 -6.78
C GLU B 80 -15.54 -24.09 -5.92
N GLN B 81 -14.58 -23.59 -5.15
CA GLN B 81 -13.77 -24.49 -4.33
C GLN B 81 -14.57 -25.06 -3.17
N VAL B 82 -15.33 -24.20 -2.51
CA VAL B 82 -16.10 -24.64 -1.35
C VAL B 82 -17.24 -25.56 -1.77
N ALA B 83 -17.86 -25.28 -2.92
CA ALA B 83 -18.97 -26.10 -3.39
C ALA B 83 -18.56 -27.56 -3.62
N VAL B 84 -17.30 -27.79 -3.99
CA VAL B 84 -16.82 -29.16 -4.17
C VAL B 84 -16.99 -29.97 -2.87
N TYR B 85 -16.60 -29.38 -1.74
CA TYR B 85 -16.73 -30.06 -0.45
C TYR B 85 -18.19 -30.39 -0.12
N LEU B 86 -19.08 -29.42 -0.31
CA LEU B 86 -20.50 -29.64 -0.01
C LEU B 86 -21.15 -30.64 -0.95
N HIS B 87 -20.77 -30.60 -2.23
CA HIS B 87 -21.35 -31.52 -3.20
C HIS B 87 -20.92 -32.94 -2.87
N LYS B 88 -19.63 -33.14 -2.62
CA LYS B 88 -19.13 -34.47 -2.34
C LYS B 88 -19.66 -34.99 -1.01
N LEU B 89 -19.85 -34.11 -0.03
CA LEU B 89 -20.45 -34.53 1.22
C LEU B 89 -21.87 -35.07 1.00
N ALA B 90 -22.69 -34.32 0.26
CA ALA B 90 -24.07 -34.73 0.00
C ALA B 90 -24.10 -36.05 -0.77
N ARG B 91 -23.19 -36.20 -1.73
CA ARG B 91 -23.13 -37.42 -2.52
C ARG B 91 -22.74 -38.65 -1.73
N GLN B 92 -22.01 -38.47 -0.62
CA GLN B 92 -21.70 -39.61 0.25
C GLN B 92 -22.98 -40.22 0.82
N PHE B 93 -24.00 -39.38 1.01
CA PHE B 93 -25.26 -39.83 1.58
C PHE B 93 -26.37 -40.05 0.55
N SER B 94 -26.23 -39.43 -0.63
CA SER B 94 -27.22 -39.61 -1.69
C SER B 94 -26.52 -39.89 -3.03
N PRO B 95 -25.83 -41.03 -3.13
CA PRO B 95 -25.09 -41.33 -4.37
C PRO B 95 -25.97 -41.68 -5.58
N ASP B 96 -27.18 -42.20 -5.33
CA ASP B 96 -27.97 -42.78 -6.41
C ASP B 96 -29.23 -41.98 -6.75
N ARG B 97 -29.52 -40.95 -5.97
CA ARG B 97 -30.68 -40.10 -6.18
C ARG B 97 -30.27 -38.62 -6.12
N PRO B 98 -31.03 -37.74 -6.81
CA PRO B 98 -30.79 -36.32 -6.59
C PRO B 98 -31.24 -35.91 -5.19
N PHE B 99 -30.66 -34.84 -4.65
CA PHE B 99 -31.03 -34.38 -3.32
C PHE B 99 -31.55 -32.95 -3.38
N ASP B 100 -32.23 -32.53 -2.33
CA ASP B 100 -32.72 -31.15 -2.24
C ASP B 100 -31.70 -30.26 -1.55
N LEU B 101 -31.73 -28.97 -1.87
CA LEU B 101 -30.77 -28.04 -1.26
C LEU B 101 -31.48 -26.79 -0.77
N VAL B 102 -31.27 -26.45 0.50
CA VAL B 102 -31.74 -25.20 1.07
C VAL B 102 -30.54 -24.44 1.58
N ALA B 103 -30.39 -23.19 1.16
CA ALA B 103 -29.25 -22.37 1.58
C ALA B 103 -29.62 -20.93 1.93
N HIS B 104 -28.89 -20.39 2.92
CA HIS B 104 -29.13 -19.05 3.48
C HIS B 104 -27.83 -18.24 3.44
N ASP B 105 -27.91 -16.97 3.05
CA ASP B 105 -26.76 -16.07 3.15
C ASP B 105 -25.58 -16.63 2.33
N ILE B 106 -24.37 -16.68 2.89
CA ILE B 106 -23.24 -17.16 2.10
C ILE B 106 -23.30 -18.64 1.75
N GLY B 107 -24.25 -19.37 2.35
CA GLY B 107 -24.55 -20.72 1.91
C GLY B 107 -24.90 -20.77 0.43
N ILE B 108 -25.48 -19.68 -0.07
CA ILE B 108 -25.78 -19.54 -1.49
C ILE B 108 -24.49 -19.44 -2.31
N TRP B 109 -23.56 -18.58 -1.88
CA TRP B 109 -22.30 -18.44 -2.59
C TRP B 109 -21.55 -19.77 -2.69
N ASN B 110 -21.66 -20.56 -1.62
CA ASN B 110 -20.89 -21.79 -1.50
C ASN B 110 -21.58 -23.01 -2.07
N THR B 111 -22.77 -22.82 -2.64
CA THR B 111 -23.46 -23.95 -3.28
C THR B 111 -23.79 -23.72 -4.76
N TYR B 112 -23.98 -22.47 -5.16
CA TYR B 112 -24.40 -22.18 -6.54
C TYR B 112 -23.57 -22.91 -7.63
N PRO B 113 -22.23 -22.88 -7.50
CA PRO B 113 -21.47 -23.57 -8.57
C PRO B 113 -21.72 -25.06 -8.64
N MET B 114 -21.94 -25.73 -7.51
CA MET B 114 -22.17 -27.16 -7.62
C MET B 114 -23.57 -27.48 -8.13
N VAL B 115 -24.52 -26.59 -7.87
CA VAL B 115 -25.86 -26.73 -8.44
C VAL B 115 -25.85 -26.60 -9.96
N VAL B 116 -25.20 -25.56 -10.47
CA VAL B 116 -25.19 -25.34 -11.92
C VAL B 116 -24.37 -26.41 -12.66
N LYS B 117 -23.31 -26.90 -12.03
CA LYS B 117 -22.44 -27.88 -12.68
C LYS B 117 -22.92 -29.34 -12.53
N ASN B 118 -23.84 -29.57 -11.59
CA ASN B 118 -24.37 -30.92 -11.36
C ASN B 118 -25.88 -30.91 -11.26
N GLN B 119 -26.54 -30.37 -12.28
CA GLN B 119 -27.99 -30.17 -12.21
C GLN B 119 -28.79 -31.45 -12.00
N ALA B 120 -28.29 -32.56 -12.55
CA ALA B 120 -28.98 -33.83 -12.39
C ALA B 120 -28.98 -34.31 -10.94
N ASP B 121 -28.06 -33.77 -10.14
CA ASP B 121 -27.95 -34.14 -8.73
C ASP B 121 -28.88 -33.36 -7.81
N ILE B 122 -29.52 -32.32 -8.33
CA ILE B 122 -30.31 -31.42 -7.47
C ILE B 122 -31.77 -31.50 -7.81
N ALA B 123 -32.57 -32.08 -6.93
CA ALA B 123 -34.00 -32.24 -7.21
C ALA B 123 -34.73 -30.90 -7.14
N ARG B 124 -34.66 -30.26 -5.97
CA ARG B 124 -35.33 -28.98 -5.75
C ARG B 124 -34.41 -28.03 -4.98
N LEU B 125 -34.56 -26.72 -5.22
CA LEU B 125 -33.64 -25.73 -4.69
C LEU B 125 -34.39 -24.62 -3.96
N VAL B 126 -33.95 -24.29 -2.74
CA VAL B 126 -34.48 -23.16 -2.00
C VAL B 126 -33.34 -22.23 -1.60
N TYR B 127 -33.40 -20.98 -2.08
CA TYR B 127 -32.39 -19.98 -1.73
C TYR B 127 -33.02 -18.81 -0.97
N MET B 128 -32.40 -18.39 0.13
CA MET B 128 -32.94 -17.25 0.88
C MET B 128 -31.89 -16.24 1.33
N GLU B 129 -32.23 -14.96 1.19
CA GLU B 129 -31.48 -13.89 1.85
C GLU B 129 -29.98 -13.80 1.56
N ALA B 130 -29.63 -13.73 0.28
CA ALA B 130 -28.30 -13.31 -0.17
C ALA B 130 -28.27 -13.25 -1.68
N PRO B 131 -27.48 -12.33 -2.23
CA PRO B 131 -27.29 -12.34 -3.68
C PRO B 131 -26.41 -13.51 -4.11
N ILE B 132 -26.74 -14.13 -5.24
CA ILE B 132 -25.74 -14.95 -5.91
C ILE B 132 -24.64 -13.98 -6.35
N PRO B 133 -23.36 -14.35 -6.14
CA PRO B 133 -22.29 -13.42 -6.51
C PRO B 133 -22.27 -13.13 -8.01
N ASP B 134 -22.63 -11.89 -8.35
CA ASP B 134 -22.54 -11.40 -9.74
C ASP B 134 -22.42 -9.87 -9.73
N ALA B 135 -22.43 -9.26 -10.91
CA ALA B 135 -22.20 -7.82 -10.98
C ALA B 135 -23.23 -6.98 -10.22
N ARG B 136 -24.37 -7.57 -9.90
CA ARG B 136 -25.41 -6.84 -9.17
C ARG B 136 -24.91 -6.34 -7.82
N ILE B 137 -23.96 -7.07 -7.22
CA ILE B 137 -23.46 -6.68 -5.90
C ILE B 137 -22.71 -5.36 -5.89
N TYR B 138 -22.23 -4.92 -7.05
CA TYR B 138 -21.46 -3.69 -7.12
C TYR B 138 -22.37 -2.46 -7.21
N ARG B 139 -23.67 -2.68 -7.22
CA ARG B 139 -24.62 -1.58 -7.28
C ARG B 139 -25.21 -1.23 -5.91
N PHE B 140 -24.99 -2.07 -4.91
CA PHE B 140 -25.48 -1.77 -3.56
C PHE B 140 -24.74 -0.53 -3.03
N PRO B 141 -25.46 0.40 -2.41
CA PRO B 141 -24.83 1.65 -1.96
C PRO B 141 -24.00 1.52 -0.68
N ALA B 142 -22.97 2.36 -0.57
CA ALA B 142 -22.11 2.41 0.61
C ALA B 142 -22.81 3.01 1.82
N PHE B 143 -23.76 3.90 1.58
CA PHE B 143 -24.34 4.70 2.65
C PHE B 143 -25.77 5.06 2.25
N THR B 144 -26.63 5.25 3.23
CA THR B 144 -28.03 5.60 2.95
C THR B 144 -28.45 6.85 3.71
N ALA B 145 -29.55 7.46 3.27
CA ALA B 145 -30.11 8.63 3.93
C ALA B 145 -30.61 8.37 5.36
N GLN B 146 -30.63 7.09 5.76
CA GLN B 146 -31.07 6.68 7.09
C GLN B 146 -29.92 6.15 7.96
N GLY B 147 -28.71 6.12 7.41
CA GLY B 147 -27.56 5.61 8.14
C GLY B 147 -26.86 4.47 7.42
N GLU B 148 -26.29 3.53 8.19
CA GLU B 148 -25.52 2.44 7.61
C GLU B 148 -26.33 1.59 6.62
N SER B 149 -25.69 1.23 5.53
CA SER B 149 -26.31 0.44 4.48
C SER B 149 -26.29 -1.05 4.82
N LEU B 150 -26.95 -1.83 3.99
CA LEU B 150 -27.04 -3.28 4.20
C LEU B 150 -25.71 -4.02 4.05
N VAL B 151 -24.91 -3.68 3.05
CA VAL B 151 -23.72 -4.50 2.77
C VAL B 151 -22.37 -3.77 2.74
N TRP B 152 -22.22 -2.69 3.52
CA TRP B 152 -20.89 -2.07 3.68
C TRP B 152 -19.87 -3.06 4.25
N HIS B 153 -20.36 -4.07 4.97
CA HIS B 153 -19.47 -5.09 5.48
C HIS B 153 -18.76 -5.90 4.39
N PHE B 154 -19.28 -5.89 3.16
CA PHE B 154 -18.56 -6.57 2.07
C PHE B 154 -17.14 -6.00 1.96
N SER B 155 -17.00 -4.67 2.03
CA SER B 155 -15.68 -4.04 1.95
C SER B 155 -14.89 -4.24 3.24
N PHE B 156 -15.55 -4.11 4.39
CA PHE B 156 -14.91 -4.29 5.70
C PHE B 156 -14.28 -5.69 5.80
N PHE B 157 -15.06 -6.70 5.42
CA PHE B 157 -14.61 -8.08 5.55
C PHE B 157 -13.57 -8.45 4.48
N ALA B 158 -13.67 -7.84 3.29
CA ALA B 158 -12.74 -8.16 2.20
C ALA B 158 -11.40 -7.44 2.30
N ALA B 159 -11.35 -6.37 3.10
CA ALA B 159 -10.14 -5.57 3.24
C ALA B 159 -8.94 -6.42 3.66
N ASP B 160 -7.75 -5.99 3.22
CA ASP B 160 -6.54 -6.70 3.58
C ASP B 160 -6.03 -6.25 4.94
N ASP B 161 -4.76 -6.56 5.21
CA ASP B 161 -4.16 -6.33 6.53
C ASP B 161 -4.91 -6.99 7.70
N ARG B 162 -5.74 -7.99 7.41
CA ARG B 162 -6.60 -8.59 8.43
C ARG B 162 -7.35 -7.52 9.21
N LEU B 163 -7.86 -6.52 8.49
CA LEU B 163 -8.60 -5.41 9.10
C LEU B 163 -9.69 -5.91 10.01
N ALA B 164 -10.55 -6.78 9.51
CA ALA B 164 -11.70 -7.23 10.28
C ALA B 164 -11.30 -8.08 11.50
N GLU B 165 -10.40 -9.04 11.33
CA GLU B 165 -9.96 -9.84 12.48
C GLU B 165 -9.31 -8.97 13.55
N THR B 166 -8.52 -8.00 13.11
CA THR B 166 -7.73 -7.22 14.05
C THR B 166 -8.66 -6.30 14.87
N LEU B 167 -9.66 -5.73 14.22
CA LEU B 167 -10.58 -4.83 14.91
C LEU B 167 -11.60 -5.58 15.76
N ILE B 168 -11.99 -6.77 15.30
CA ILE B 168 -13.06 -7.52 15.96
C ILE B 168 -12.57 -8.43 17.08
N ALA B 169 -11.33 -8.91 17.01
CA ALA B 169 -10.80 -9.76 18.08
C ALA B 169 -10.87 -9.05 19.44
N GLY B 170 -11.37 -9.78 20.43
CA GLY B 170 -11.60 -9.22 21.75
C GLY B 170 -12.96 -8.58 21.90
N LYS B 171 -13.65 -8.37 20.78
CA LYS B 171 -14.95 -7.72 20.76
C LYS B 171 -15.93 -8.52 19.87
N GLU B 172 -15.75 -9.83 19.80
CA GLU B 172 -16.50 -10.66 18.87
C GLU B 172 -18.00 -10.70 19.18
N ARG B 173 -18.33 -10.79 20.46
CA ARG B 173 -19.71 -10.82 20.92
C ARG B 173 -20.40 -9.48 20.67
N PHE B 174 -19.70 -8.39 20.98
CA PHE B 174 -20.20 -7.05 20.69
C PHE B 174 -20.46 -6.85 19.20
N PHE B 175 -19.51 -7.23 18.35
CA PHE B 175 -19.71 -6.98 16.93
C PHE B 175 -20.86 -7.81 16.38
N LEU B 176 -20.90 -9.09 16.75
CA LEU B 176 -21.91 -9.99 16.21
C LEU B 176 -23.31 -9.56 16.61
N GLU B 177 -23.47 -9.09 17.84
CA GLU B 177 -24.78 -8.58 18.27
C GLU B 177 -25.18 -7.37 17.42
N HIS B 178 -24.25 -6.44 17.20
CA HIS B 178 -24.55 -5.28 16.37
C HIS B 178 -24.93 -5.72 14.97
N PHE B 179 -24.14 -6.63 14.40
CA PHE B 179 -24.33 -7.07 13.02
C PHE B 179 -25.67 -7.79 12.86
N ILE B 180 -25.96 -8.69 13.78
CA ILE B 180 -27.22 -9.43 13.71
C ILE B 180 -28.41 -8.49 13.84
N LYS B 181 -28.37 -7.61 14.84
CA LYS B 181 -29.50 -6.72 15.06
C LYS B 181 -29.68 -5.67 13.95
N SER B 182 -28.59 -5.20 13.35
CA SER B 182 -28.70 -4.24 12.25
C SER B 182 -29.31 -4.87 11.00
N HIS B 183 -29.31 -6.19 10.93
CA HIS B 183 -29.89 -6.87 9.79
C HIS B 183 -31.19 -7.59 10.15
N ALA B 184 -31.73 -7.29 11.35
CA ALA B 184 -32.95 -7.93 11.85
C ALA B 184 -34.16 -7.00 11.92
N SER B 185 -35.36 -7.58 11.82
CA SER B 185 -36.58 -6.89 12.18
C SER B 185 -37.00 -7.32 13.58
N ASN B 186 -36.89 -8.63 13.84
CA ASN B 186 -37.30 -9.19 15.12
C ASN B 186 -36.08 -9.55 15.94
N THR B 187 -35.59 -8.59 16.71
CA THR B 187 -34.34 -8.78 17.44
C THR B 187 -34.52 -9.65 18.68
N GLU B 188 -35.76 -9.74 19.16
CA GLU B 188 -36.06 -10.45 20.41
C GLU B 188 -35.72 -11.94 20.38
N VAL B 189 -35.69 -12.52 19.19
CA VAL B 189 -35.39 -13.95 19.06
C VAL B 189 -33.93 -14.22 19.39
N PHE B 190 -33.09 -13.19 19.30
CA PHE B 190 -31.68 -13.36 19.63
C PHE B 190 -31.41 -13.07 21.10
N SER B 191 -31.67 -14.09 21.91
CA SER B 191 -31.45 -14.01 23.36
C SER B 191 -29.96 -13.88 23.66
N GLU B 192 -29.65 -13.48 24.90
CA GLU B 192 -28.25 -13.38 25.30
C GLU B 192 -27.56 -14.73 25.18
N ARG B 193 -28.29 -15.79 25.52
CA ARG B 193 -27.80 -17.16 25.40
C ARG B 193 -27.47 -17.54 23.95
N LEU B 194 -28.39 -17.26 23.03
CA LEU B 194 -28.17 -17.58 21.63
C LEU B 194 -26.97 -16.80 21.05
N LEU B 195 -26.90 -15.51 21.38
CA LEU B 195 -25.80 -14.66 20.92
C LEU B 195 -24.48 -15.14 21.51
N ASP B 196 -24.51 -15.56 22.78
CA ASP B 196 -23.32 -16.13 23.41
C ASP B 196 -22.80 -17.32 22.61
N LEU B 197 -23.71 -18.22 22.23
CA LEU B 197 -23.34 -19.43 21.50
C LEU B 197 -22.73 -19.15 20.13
N TYR B 198 -23.40 -18.30 19.35
CA TYR B 198 -22.88 -17.95 18.04
C TYR B 198 -21.56 -17.20 18.16
N ALA B 199 -21.45 -16.31 19.15
CA ALA B 199 -20.22 -15.53 19.28
C ALA B 199 -19.04 -16.41 19.62
N ARG B 200 -19.25 -17.37 20.53
CA ARG B 200 -18.16 -18.24 20.96
C ARG B 200 -17.67 -19.06 19.78
N SER B 201 -18.58 -19.47 18.90
CA SER B 201 -18.18 -20.28 17.76
C SER B 201 -17.33 -19.50 16.77
N TYR B 202 -17.79 -18.34 16.34
CA TYR B 202 -17.05 -17.63 15.29
C TYR B 202 -15.82 -16.90 15.83
N ALA B 203 -15.71 -16.82 17.15
CA ALA B 203 -14.54 -16.21 17.79
C ALA B 203 -13.32 -17.12 17.84
N LYS B 204 -13.49 -18.42 17.60
CA LYS B 204 -12.33 -19.30 17.44
C LYS B 204 -11.45 -18.66 16.37
N PRO B 205 -10.14 -18.49 16.64
CA PRO B 205 -9.33 -17.71 15.69
C PRO B 205 -9.41 -18.17 14.23
N HIS B 206 -9.40 -19.48 13.99
CA HIS B 206 -9.48 -19.96 12.62
C HIS B 206 -10.86 -19.73 12.01
N SER B 207 -11.89 -19.63 12.87
CA SER B 207 -13.25 -19.39 12.39
C SER B 207 -13.49 -17.91 12.11
N LEU B 208 -12.88 -17.05 12.90
CA LEU B 208 -13.00 -15.61 12.69
C LEU B 208 -12.34 -15.29 11.34
N ASN B 209 -11.18 -15.86 11.10
CA ASN B 209 -10.52 -15.68 9.82
C ASN B 209 -11.32 -16.31 8.67
N ALA B 210 -11.75 -17.55 8.87
CA ALA B 210 -12.53 -18.22 7.81
C ALA B 210 -13.72 -17.37 7.38
N SER B 211 -14.40 -16.77 8.36
CA SER B 211 -15.58 -15.93 8.09
C SER B 211 -15.28 -14.87 7.05
N PHE B 212 -14.16 -14.17 7.22
CA PHE B 212 -13.82 -13.09 6.31
C PHE B 212 -13.18 -13.54 5.00
N GLU B 213 -12.52 -14.69 5.02
CA GLU B 213 -11.95 -15.24 3.79
C GLU B 213 -13.01 -15.52 2.73
N TYR B 214 -14.23 -15.85 3.16
CA TYR B 214 -15.33 -15.98 2.20
C TYR B 214 -15.55 -14.66 1.44
N TYR B 215 -15.35 -13.54 2.13
CA TYR B 215 -15.55 -12.23 1.51
C TYR B 215 -14.32 -11.80 0.69
N ARG B 216 -13.15 -12.23 1.14
CA ARG B 216 -11.92 -11.95 0.40
C ARG B 216 -11.87 -12.70 -0.93
N ALA B 217 -12.71 -13.74 -1.04
CA ALA B 217 -12.81 -14.52 -2.27
C ALA B 217 -14.01 -14.12 -3.13
N LEU B 218 -14.77 -13.13 -2.68
CA LEU B 218 -16.04 -12.77 -3.33
C LEU B 218 -15.86 -12.30 -4.77
N ASN B 219 -14.87 -11.46 -5.02
CA ASN B 219 -14.66 -11.00 -6.40
C ASN B 219 -14.25 -12.16 -7.30
N GLU B 220 -13.45 -13.08 -6.78
CA GLU B 220 -13.09 -14.27 -7.55
C GLU B 220 -14.34 -15.11 -7.81
N SER B 221 -15.21 -15.20 -6.80
CA SER B 221 -16.47 -15.93 -6.98
C SER B 221 -17.37 -15.30 -8.06
N VAL B 222 -17.44 -13.96 -8.07
CA VAL B 222 -18.15 -13.25 -9.13
C VAL B 222 -17.58 -13.59 -10.52
N ARG B 223 -16.25 -13.56 -10.64
CA ARG B 223 -15.64 -13.89 -11.93
C ARG B 223 -15.94 -15.33 -12.34
N GLN B 224 -15.88 -16.24 -11.38
CA GLN B 224 -16.21 -17.65 -11.64
C GLN B 224 -17.64 -17.77 -12.14
N ASN B 225 -18.56 -17.10 -11.46
CA ASN B 225 -19.98 -17.21 -11.78
C ASN B 225 -20.36 -16.59 -13.12
N ALA B 226 -19.54 -15.65 -13.60
CA ALA B 226 -19.80 -15.05 -14.90
C ALA B 226 -19.76 -16.09 -16.02
N GLU B 227 -18.92 -17.10 -15.85
CA GLU B 227 -18.81 -18.21 -16.81
C GLU B 227 -19.91 -19.24 -16.57
N LEU B 228 -20.11 -19.60 -15.31
CA LEU B 228 -21.10 -20.61 -14.93
C LEU B 228 -22.52 -20.22 -15.32
N ALA B 229 -22.85 -18.94 -15.20
CA ALA B 229 -24.21 -18.45 -15.42
C ALA B 229 -24.69 -18.58 -16.88
N LYS B 230 -23.78 -18.99 -17.77
CA LYS B 230 -24.14 -19.22 -19.17
C LYS B 230 -25.05 -20.42 -19.29
N THR B 231 -25.11 -21.22 -18.24
CA THR B 231 -26.02 -22.36 -18.16
C THR B 231 -27.12 -22.09 -17.13
N ARG B 232 -28.37 -21.99 -17.58
CA ARG B 232 -29.51 -21.72 -16.70
C ARG B 232 -29.84 -22.91 -15.82
N LEU B 233 -30.45 -22.64 -14.66
CA LEU B 233 -30.91 -23.69 -13.76
C LEU B 233 -32.28 -24.20 -14.18
N GLN B 234 -32.45 -25.53 -14.19
CA GLN B 234 -33.66 -26.14 -14.72
C GLN B 234 -34.58 -26.76 -13.66
N MET B 235 -34.05 -26.95 -12.45
CA MET B 235 -34.85 -27.62 -11.42
C MET B 235 -35.81 -26.65 -10.75
N PRO B 236 -36.91 -27.17 -10.16
CA PRO B 236 -37.85 -26.31 -9.43
C PRO B 236 -37.15 -25.55 -8.32
N THR B 237 -37.37 -24.24 -8.27
CA THR B 237 -36.68 -23.35 -7.33
C THR B 237 -37.66 -22.47 -6.58
N MET B 238 -37.36 -22.20 -5.30
CA MET B 238 -38.09 -21.21 -4.52
C MET B 238 -37.12 -20.24 -3.87
N THR B 239 -37.45 -18.95 -3.92
CA THR B 239 -36.69 -17.96 -3.15
C THR B 239 -37.51 -17.43 -1.99
N LEU B 240 -36.83 -17.13 -0.89
CA LEU B 240 -37.45 -16.43 0.24
C LEU B 240 -36.60 -15.22 0.62
N ALA B 241 -37.26 -14.15 1.04
CA ALA B 241 -36.57 -12.96 1.51
C ALA B 241 -37.43 -12.27 2.55
N GLY B 242 -36.80 -11.51 3.43
CA GLY B 242 -37.54 -10.74 4.41
C GLY B 242 -37.98 -9.41 3.82
N GLY B 243 -39.18 -8.99 4.18
CA GLY B 243 -39.73 -7.71 3.72
C GLY B 243 -39.57 -6.58 4.72
N GLY B 244 -39.06 -6.91 5.91
CA GLY B 244 -38.84 -5.90 6.92
C GLY B 244 -37.41 -5.37 6.95
N HIS B 245 -37.11 -4.57 7.96
CA HIS B 245 -35.76 -4.03 8.12
C HIS B 245 -34.72 -5.14 8.13
N GLY B 246 -33.67 -4.95 7.33
CA GLY B 246 -32.58 -5.90 7.25
C GLY B 246 -32.73 -6.91 6.12
N GLY B 247 -33.93 -6.99 5.54
CA GLY B 247 -34.20 -7.98 4.51
C GLY B 247 -33.85 -7.53 3.10
N MET B 248 -33.81 -8.50 2.18
CA MET B 248 -33.48 -8.24 0.78
C MET B 248 -34.70 -7.88 -0.08
N GLY B 249 -35.91 -8.12 0.43
CA GLY B 249 -37.11 -7.77 -0.32
C GLY B 249 -37.19 -8.41 -1.68
N THR B 250 -37.57 -7.63 -2.68
CA THR B 250 -37.84 -8.15 -4.02
C THR B 250 -36.58 -8.55 -4.78
N PHE B 251 -35.41 -8.14 -4.28
CA PHE B 251 -34.15 -8.44 -4.97
C PHE B 251 -33.92 -9.93 -5.18
N GLN B 252 -34.27 -10.74 -4.18
CA GLN B 252 -33.97 -12.16 -4.20
C GLN B 252 -34.60 -12.84 -5.42
N LEU B 253 -35.91 -12.70 -5.55
CA LEU B 253 -36.63 -13.29 -6.69
C LEU B 253 -36.20 -12.67 -8.01
N GLU B 254 -36.01 -11.36 -8.03
CA GLU B 254 -35.70 -10.69 -9.29
C GLU B 254 -34.35 -11.15 -9.85
N GLN B 255 -33.36 -11.32 -8.97
CA GLN B 255 -32.09 -11.87 -9.42
C GLN B 255 -32.26 -13.31 -9.88
N MET B 256 -32.98 -14.10 -9.10
CA MET B 256 -33.12 -15.52 -9.40
C MET B 256 -33.82 -15.77 -10.74
N LYS B 257 -34.66 -14.83 -11.16
CA LYS B 257 -35.32 -14.94 -12.45
C LYS B 257 -34.33 -14.96 -13.61
N ALA B 258 -33.15 -14.38 -13.40
CA ALA B 258 -32.12 -14.37 -14.41
C ALA B 258 -31.36 -15.69 -14.46
N TYR B 259 -31.52 -16.50 -13.41
CA TYR B 259 -30.76 -17.75 -13.27
C TYR B 259 -31.60 -19.01 -13.49
N ALA B 260 -32.87 -18.96 -13.12
CA ALA B 260 -33.71 -20.15 -13.13
C ALA B 260 -34.96 -20.01 -13.99
N GLU B 261 -35.25 -21.06 -14.75
CA GLU B 261 -36.44 -21.11 -15.60
C GLU B 261 -37.73 -21.27 -14.81
N ASP B 262 -37.64 -22.02 -13.72
CA ASP B 262 -38.81 -22.43 -12.95
C ASP B 262 -38.64 -22.00 -11.50
N VAL B 263 -39.10 -20.79 -11.19
CA VAL B 263 -38.88 -20.20 -9.87
C VAL B 263 -40.12 -19.48 -9.34
N GLU B 264 -40.40 -19.67 -8.05
CA GLU B 264 -41.45 -18.93 -7.38
C GLU B 264 -40.79 -18.28 -6.17
N GLY B 265 -41.31 -17.14 -5.76
CA GLY B 265 -40.67 -16.41 -4.65
C GLY B 265 -41.68 -15.92 -3.64
N HIS B 266 -41.23 -15.72 -2.41
CA HIS B 266 -42.03 -15.06 -1.39
C HIS B 266 -41.19 -14.04 -0.65
N VAL B 267 -41.83 -12.93 -0.31
CA VAL B 267 -41.26 -11.94 0.58
C VAL B 267 -42.11 -11.98 1.86
N LEU B 268 -41.45 -12.06 3.01
CA LEU B 268 -42.16 -12.23 4.28
C LEU B 268 -42.21 -10.90 5.04
N PRO B 269 -43.41 -10.29 5.12
CA PRO B 269 -43.48 -9.00 5.82
C PRO B 269 -43.17 -9.20 7.29
N GLY B 270 -42.55 -8.20 7.92
CA GLY B 270 -42.27 -8.26 9.35
C GLY B 270 -41.07 -9.12 9.70
N CYS B 271 -40.25 -9.46 8.71
CA CYS B 271 -39.07 -10.31 8.91
C CYS B 271 -37.87 -9.68 8.23
N GLY B 272 -36.70 -9.76 8.88
CA GLY B 272 -35.45 -9.28 8.33
C GLY B 272 -34.61 -10.37 7.67
N HIS B 273 -33.29 -10.29 7.87
CA HIS B 273 -32.35 -11.19 7.18
C HIS B 273 -32.35 -12.61 7.71
N TRP B 274 -32.59 -12.76 9.01
CA TRP B 274 -32.34 -14.03 9.69
C TRP B 274 -33.59 -14.88 9.72
N LEU B 275 -34.07 -15.29 8.54
CA LEU B 275 -35.42 -15.87 8.44
C LEU B 275 -35.70 -17.08 9.34
N PRO B 276 -34.75 -18.04 9.42
CA PRO B 276 -35.09 -19.23 10.22
C PRO B 276 -35.34 -18.92 11.70
N GLU B 277 -34.76 -17.84 12.21
CA GLU B 277 -34.95 -17.49 13.60
C GLU B 277 -35.99 -16.39 13.80
N GLU B 278 -35.96 -15.37 12.95
CA GLU B 278 -36.91 -14.25 13.06
C GLU B 278 -38.32 -14.65 12.71
N CYS B 279 -38.47 -15.55 11.74
CA CYS B 279 -39.80 -15.91 11.27
C CYS B 279 -39.91 -17.40 11.02
N ALA B 280 -39.59 -18.17 12.06
CA ALA B 280 -39.46 -19.61 11.95
C ALA B 280 -40.72 -20.30 11.45
N ALA B 281 -41.88 -19.97 12.00
CA ALA B 281 -43.08 -20.72 11.66
C ALA B 281 -43.50 -20.58 10.18
N PRO B 282 -43.60 -19.34 9.66
CA PRO B 282 -43.97 -19.27 8.24
C PRO B 282 -42.85 -19.70 7.29
N MET B 283 -41.60 -19.44 7.64
CA MET B 283 -40.51 -19.89 6.78
C MET B 283 -40.48 -21.41 6.71
N ASN B 284 -40.54 -22.06 7.88
CA ASN B 284 -40.58 -23.52 7.91
C ASN B 284 -41.74 -24.10 7.08
N ARG B 285 -42.93 -23.52 7.22
CA ARG B 285 -44.09 -23.96 6.46
C ARG B 285 -43.85 -23.89 4.95
N LEU B 286 -43.31 -22.76 4.50
CA LEU B 286 -43.08 -22.55 3.07
C LEU B 286 -42.06 -23.54 2.50
N VAL B 287 -40.99 -23.78 3.24
CA VAL B 287 -39.96 -24.73 2.85
C VAL B 287 -40.50 -26.17 2.84
N ILE B 288 -41.13 -26.55 3.94
CA ILE B 288 -41.71 -27.90 4.02
C ILE B 288 -42.69 -28.17 2.89
N ASP B 289 -43.61 -27.25 2.65
CA ASP B 289 -44.60 -27.47 1.60
C ASP B 289 -43.95 -27.53 0.21
N PHE B 290 -42.98 -26.66 -0.04
CA PHE B 290 -42.32 -26.63 -1.34
C PHE B 290 -41.58 -27.94 -1.62
N LEU B 291 -40.89 -28.46 -0.60
CA LEU B 291 -40.12 -29.68 -0.78
C LEU B 291 -41.00 -30.92 -0.83
N SER B 292 -42.19 -30.83 -0.24
CA SER B 292 -43.09 -31.99 -0.16
C SER B 292 -43.93 -32.17 -1.44
N ARG B 293 -43.82 -31.21 -2.36
CA ARG B 293 -44.51 -31.33 -3.64
C ARG B 293 -44.03 -32.54 -4.43
N ALA C 1 3.56 -33.31 -0.79
CA ALA C 1 3.32 -31.97 -0.28
C ALA C 1 3.33 -30.93 -1.39
N GLU C 2 2.36 -30.01 -1.35
CA GLU C 2 2.23 -28.99 -2.38
C GLU C 2 2.20 -27.61 -1.73
N GLU C 3 3.02 -26.69 -2.26
CA GLU C 3 3.10 -25.35 -1.71
C GLU C 3 1.84 -24.53 -1.96
N PHE C 4 1.17 -24.78 -3.09
CA PHE C 4 -0.03 -24.01 -3.48
C PHE C 4 -1.11 -24.95 -4.00
N PRO C 5 -2.39 -24.62 -3.75
CA PRO C 5 -3.46 -25.52 -4.18
C PRO C 5 -3.71 -25.53 -5.68
N VAL C 6 -3.78 -26.73 -6.24
CA VAL C 6 -4.02 -26.93 -7.66
C VAL C 6 -5.50 -26.67 -8.00
N PRO C 7 -5.76 -25.95 -9.11
CA PRO C 7 -7.17 -25.75 -9.52
C PRO C 7 -7.79 -27.10 -9.86
N ASN C 8 -9.11 -27.20 -9.72
CA ASN C 8 -9.78 -28.46 -10.00
C ASN C 8 -9.49 -28.92 -11.42
N GLY C 9 -9.21 -30.20 -11.59
CA GLY C 9 -8.94 -30.76 -12.90
C GLY C 9 -7.52 -30.61 -13.39
N PHE C 10 -6.68 -29.95 -12.59
CA PHE C 10 -5.26 -29.82 -12.92
C PHE C 10 -4.43 -30.82 -12.10
N GLU C 11 -3.22 -31.11 -12.58
CA GLU C 11 -2.31 -31.98 -11.84
C GLU C 11 -0.98 -31.30 -11.57
N SER C 12 -0.40 -31.60 -10.41
CA SER C 12 0.94 -31.15 -10.07
C SER C 12 1.91 -32.30 -10.36
N ALA C 13 2.95 -32.03 -11.13
CA ALA C 13 3.89 -33.07 -11.54
C ALA C 13 5.29 -32.51 -11.72
N TYR C 14 6.23 -33.40 -12.05
CA TYR C 14 7.62 -32.99 -12.27
C TYR C 14 8.15 -33.62 -13.54
N ARG C 15 9.06 -32.92 -14.21
CA ARG C 15 9.80 -33.50 -15.32
C ARG C 15 11.29 -33.17 -15.19
N GLU C 16 12.14 -34.17 -15.35
CA GLU C 16 13.57 -33.97 -15.35
C GLU C 16 14.01 -33.48 -16.73
N VAL C 17 14.65 -32.31 -16.76
CA VAL C 17 15.14 -31.71 -18.00
C VAL C 17 16.61 -31.35 -17.82
N ASP C 18 17.47 -31.96 -18.64
CA ASP C 18 18.92 -31.75 -18.52
C ASP C 18 19.40 -31.85 -17.07
N GLY C 19 18.94 -32.88 -16.36
CA GLY C 19 19.39 -33.17 -15.01
C GLY C 19 18.80 -32.31 -13.92
N VAL C 20 17.81 -31.49 -14.27
CA VAL C 20 17.16 -30.62 -13.30
C VAL C 20 15.67 -30.97 -13.21
N LYS C 21 15.20 -31.24 -11.99
CA LYS C 21 13.79 -31.60 -11.79
C LYS C 21 12.93 -30.34 -11.74
N LEU C 22 12.10 -30.16 -12.77
CA LEU C 22 11.21 -29.00 -12.85
C LEU C 22 9.80 -29.35 -12.38
N HIS C 23 9.22 -28.50 -11.54
CA HIS C 23 7.83 -28.68 -11.12
C HIS C 23 6.91 -27.90 -12.05
N TYR C 24 5.73 -28.45 -12.33
CA TYR C 24 4.75 -27.69 -13.10
C TYR C 24 3.34 -28.13 -12.72
N VAL C 25 2.37 -27.30 -13.08
CA VAL C 25 0.96 -27.65 -12.94
C VAL C 25 0.36 -27.63 -14.34
N LYS C 26 -0.39 -28.67 -14.68
CA LYS C 26 -0.87 -28.88 -16.04
C LYS C 26 -2.32 -29.30 -16.08
N GLY C 27 -3.06 -28.80 -17.07
CA GLY C 27 -4.45 -29.21 -17.26
C GLY C 27 -4.95 -28.80 -18.64
N GLY C 28 -6.13 -29.31 -19.01
CA GLY C 28 -6.76 -28.93 -20.27
C GLY C 28 -6.41 -29.80 -21.46
N GLN C 29 -6.95 -29.44 -22.61
CA GLN C 29 -6.77 -30.17 -23.86
C GLN C 29 -6.63 -29.18 -25.00
N GLY C 30 -5.88 -29.56 -26.02
CA GLY C 30 -5.67 -28.69 -27.17
C GLY C 30 -4.24 -28.24 -27.32
N PRO C 31 -4.00 -27.25 -28.20
CA PRO C 31 -2.65 -26.71 -28.39
C PRO C 31 -2.06 -26.23 -27.07
N LEU C 32 -0.75 -26.33 -26.92
CA LEU C 32 -0.10 -25.99 -25.65
C LEU C 32 0.13 -24.49 -25.44
N VAL C 33 -0.17 -24.04 -24.24
CA VAL C 33 0.26 -22.72 -23.79
CA VAL C 33 0.23 -22.71 -23.78
C VAL C 33 1.06 -22.87 -22.51
N MET C 34 2.23 -22.25 -22.49
CA MET C 34 3.06 -22.27 -21.30
C MET C 34 3.04 -20.91 -20.65
N LEU C 35 2.76 -20.88 -19.34
CA LEU C 35 2.69 -19.65 -18.55
C LEU C 35 3.90 -19.60 -17.61
N VAL C 36 4.70 -18.53 -17.68
CA VAL C 36 5.95 -18.45 -16.90
C VAL C 36 5.95 -17.27 -15.93
N HIS C 37 6.02 -17.59 -14.63
CA HIS C 37 5.92 -16.59 -13.57
C HIS C 37 7.19 -15.79 -13.36
N GLY C 38 7.13 -14.86 -12.40
CA GLY C 38 8.24 -13.95 -12.12
C GLY C 38 8.70 -13.94 -10.67
N PHE C 39 9.50 -12.92 -10.33
CA PHE C 39 10.08 -12.82 -9.00
C PHE C 39 9.06 -12.65 -7.89
N GLY C 40 9.31 -13.32 -6.77
CA GLY C 40 8.48 -13.20 -5.59
C GLY C 40 7.31 -14.16 -5.62
N GLN C 41 7.15 -14.87 -6.75
CA GLN C 41 5.98 -15.70 -6.97
C GLN C 41 6.34 -17.06 -7.55
N THR C 42 5.34 -17.80 -7.99
CA THR C 42 5.52 -19.16 -8.50
C THR C 42 4.44 -19.35 -9.55
N TRP C 43 4.25 -20.61 -9.99
CA TRP C 43 3.18 -20.92 -10.95
C TRP C 43 1.83 -20.41 -10.49
N TYR C 44 1.66 -20.26 -9.17
CA TYR C 44 0.35 -19.98 -8.58
C TYR C 44 -0.22 -18.64 -9.01
N GLU C 45 0.63 -17.70 -9.43
CA GLU C 45 0.07 -16.41 -9.89
C GLU C 45 -0.93 -16.60 -11.03
N TRP C 46 -0.79 -17.69 -11.77
CA TRP C 46 -1.63 -17.98 -12.92
C TRP C 46 -2.89 -18.77 -12.59
N HIS C 47 -3.13 -19.10 -11.32
CA HIS C 47 -4.16 -20.10 -11.00
C HIS C 47 -5.59 -19.67 -11.36
N GLN C 48 -5.82 -18.37 -11.50
CA GLN C 48 -7.15 -17.88 -11.88
C GLN C 48 -7.36 -17.88 -13.40
N LEU C 49 -6.29 -17.65 -14.14
CA LEU C 49 -6.33 -17.67 -15.61
C LEU C 49 -6.35 -19.09 -16.13
N MET C 50 -5.65 -19.99 -15.43
CA MET C 50 -5.53 -21.39 -15.89
C MET C 50 -6.82 -22.14 -16.28
N PRO C 51 -7.85 -22.14 -15.41
CA PRO C 51 -9.07 -22.87 -15.78
C PRO C 51 -9.74 -22.33 -17.02
N GLU C 52 -9.65 -21.02 -17.24
CA GLU C 52 -10.28 -20.39 -18.39
C GLU C 52 -9.58 -20.79 -19.68
N LEU C 53 -8.24 -20.79 -19.66
CA LEU C 53 -7.45 -21.21 -20.81
C LEU C 53 -7.59 -22.71 -21.10
N ALA C 54 -7.82 -23.50 -20.06
CA ALA C 54 -7.91 -24.95 -20.20
C ALA C 54 -9.14 -25.40 -20.97
N LYS C 55 -10.08 -24.50 -21.19
CA LYS C 55 -11.26 -24.82 -21.99
C LYS C 55 -10.93 -24.91 -23.48
N ARG C 56 -9.78 -24.34 -23.87
CA ARG C 56 -9.40 -24.26 -25.27
C ARG C 56 -7.96 -24.73 -25.52
N PHE C 57 -7.18 -24.89 -24.46
CA PHE C 57 -5.74 -25.19 -24.60
C PHE C 57 -5.29 -26.23 -23.57
N THR C 58 -4.19 -26.92 -23.88
CA THR C 58 -3.44 -27.61 -22.84
C THR C 58 -2.57 -26.54 -22.17
N VAL C 59 -2.69 -26.41 -20.86
CA VAL C 59 -2.01 -25.34 -20.12
C VAL C 59 -0.93 -25.93 -19.21
N ILE C 60 0.30 -25.43 -19.33
CA ILE C 60 1.37 -25.76 -18.39
C ILE C 60 1.95 -24.52 -17.74
N ALA C 61 2.11 -24.57 -16.42
CA ALA C 61 2.70 -23.49 -15.65
C ALA C 61 3.84 -24.02 -14.78
N PRO C 62 5.09 -23.84 -15.23
CA PRO C 62 6.21 -24.36 -14.45
C PRO C 62 6.71 -23.38 -13.39
N ASP C 63 7.41 -23.92 -12.40
CA ASP C 63 8.18 -23.09 -11.46
C ASP C 63 9.56 -22.87 -12.07
N LEU C 64 10.02 -21.63 -12.09
CA LEU C 64 11.37 -21.34 -12.57
C LEU C 64 12.41 -22.10 -11.76
N PRO C 65 13.52 -22.48 -12.41
CA PRO C 65 14.57 -23.22 -11.68
C PRO C 65 14.97 -22.54 -10.36
N GLY C 66 14.96 -23.33 -9.28
CA GLY C 66 15.34 -22.84 -7.97
C GLY C 66 14.16 -22.27 -7.18
N LEU C 67 13.11 -21.88 -7.89
CA LEU C 67 11.94 -21.27 -7.27
C LEU C 67 10.78 -22.25 -7.19
N GLY C 68 9.78 -21.95 -6.35
CA GLY C 68 8.68 -22.88 -6.12
C GLY C 68 9.25 -24.25 -5.76
N GLN C 69 8.79 -25.28 -6.49
CA GLN C 69 9.23 -26.66 -6.24
C GLN C 69 10.19 -27.20 -7.30
N SER C 70 10.80 -26.30 -8.08
CA SER C 70 11.80 -26.69 -9.09
C SER C 70 13.23 -26.65 -8.55
N GLU C 71 14.03 -27.64 -8.94
CA GLU C 71 15.44 -27.65 -8.56
C GLU C 71 16.17 -26.48 -9.21
N PRO C 72 17.26 -26.00 -8.58
CA PRO C 72 18.09 -24.97 -9.21
C PRO C 72 18.68 -25.43 -10.53
N PRO C 73 19.01 -24.49 -11.43
CA PRO C 73 19.63 -24.87 -12.70
C PRO C 73 21.03 -25.41 -12.47
N LYS C 74 21.49 -26.31 -13.33
CA LYS C 74 22.83 -26.85 -13.20
C LYS C 74 23.85 -26.08 -14.03
N THR C 75 23.37 -25.33 -15.02
CA THR C 75 24.26 -24.54 -15.87
C THR C 75 24.49 -23.15 -15.28
N GLY C 76 23.43 -22.34 -15.26
CA GLY C 76 23.50 -21.02 -14.67
C GLY C 76 22.16 -20.31 -14.72
N TYR C 77 22.14 -19.04 -14.31
CA TYR C 77 20.88 -18.32 -14.16
C TYR C 77 20.68 -17.22 -15.23
N SER C 78 21.58 -17.14 -16.20
CA SER C 78 21.41 -16.17 -17.27
C SER C 78 20.21 -16.57 -18.13
N GLY C 79 19.67 -15.61 -18.87
CA GLY C 79 18.48 -15.85 -19.68
C GLY C 79 18.66 -17.00 -20.64
N GLU C 80 19.80 -17.04 -21.34
CA GLU C 80 20.00 -18.07 -22.36
C GLU C 80 20.08 -19.45 -21.71
N GLN C 81 20.69 -19.53 -20.53
CA GLN C 81 20.83 -20.81 -19.85
C GLN C 81 19.50 -21.34 -19.35
N VAL C 82 18.72 -20.48 -18.69
CA VAL C 82 17.44 -20.92 -18.14
C VAL C 82 16.45 -21.23 -19.26
N ALA C 83 16.55 -20.49 -20.36
CA ALA C 83 15.61 -20.68 -21.46
C ALA C 83 15.67 -22.09 -22.04
N VAL C 84 16.85 -22.71 -22.00
CA VAL C 84 16.98 -24.08 -22.50
C VAL C 84 16.04 -25.02 -21.75
N TYR C 85 16.00 -24.88 -20.43
CA TYR C 85 15.16 -25.73 -19.59
C TYR C 85 13.69 -25.58 -19.96
N LEU C 86 13.25 -24.33 -20.10
CA LEU C 86 11.85 -24.04 -20.38
C LEU C 86 11.44 -24.46 -21.79
N HIS C 87 12.32 -24.25 -22.76
CA HIS C 87 12.04 -24.64 -24.14
C HIS C 87 11.93 -26.17 -24.23
N LYS C 88 12.88 -26.87 -23.62
CA LYS C 88 12.84 -28.33 -23.65
C LYS C 88 11.61 -28.90 -22.94
N LEU C 89 11.25 -28.32 -21.80
CA LEU C 89 10.03 -28.72 -21.09
C LEU C 89 8.79 -28.61 -21.97
N ALA C 90 8.59 -27.45 -22.57
CA ALA C 90 7.43 -27.23 -23.42
C ALA C 90 7.40 -28.20 -24.59
N ARG C 91 8.57 -28.43 -25.19
CA ARG C 91 8.65 -29.28 -26.37
C ARG C 91 8.47 -30.76 -26.05
N GLN C 92 8.57 -31.13 -24.77
CA GLN C 92 8.26 -32.51 -24.39
C GLN C 92 6.75 -32.73 -24.55
N PHE C 93 5.98 -31.68 -24.27
CA PHE C 93 4.51 -31.75 -24.32
C PHE C 93 3.98 -31.35 -25.70
N SER C 94 4.78 -30.60 -26.45
CA SER C 94 4.39 -30.20 -27.81
C SER C 94 5.53 -30.43 -28.80
N PRO C 95 5.88 -31.70 -29.06
CA PRO C 95 7.05 -31.95 -29.91
C PRO C 95 6.83 -31.70 -31.41
N ASP C 96 5.59 -31.74 -31.88
CA ASP C 96 5.31 -31.67 -33.31
C ASP C 96 4.59 -30.39 -33.75
N ARG C 97 4.34 -29.49 -32.81
CA ARG C 97 3.61 -28.27 -33.13
C ARG C 97 4.11 -27.11 -32.29
N PRO C 98 3.99 -25.88 -32.82
CA PRO C 98 4.36 -24.71 -32.02
C PRO C 98 3.42 -24.51 -30.85
N PHE C 99 3.92 -23.86 -29.79
CA PHE C 99 3.12 -23.59 -28.60
C PHE C 99 3.04 -22.10 -28.35
N ASP C 100 2.10 -21.69 -27.49
CA ASP C 100 1.97 -20.29 -27.11
C ASP C 100 2.73 -20.03 -25.80
N LEU C 101 3.17 -18.79 -25.60
CA LEU C 101 3.93 -18.43 -24.42
C LEU C 101 3.41 -17.17 -23.78
N VAL C 102 3.18 -17.21 -22.47
CA VAL C 102 2.84 -16.03 -21.69
C VAL C 102 3.84 -15.93 -20.56
N ALA C 103 4.45 -14.77 -20.39
CA ALA C 103 5.48 -14.61 -19.36
C ALA C 103 5.38 -13.27 -18.65
N HIS C 104 5.66 -13.29 -17.35
CA HIS C 104 5.51 -12.13 -16.47
C HIS C 104 6.86 -11.87 -15.79
N ASP C 105 7.30 -10.61 -15.76
CA ASP C 105 8.46 -10.24 -14.95
C ASP C 105 9.71 -11.02 -15.41
N ILE C 106 10.47 -11.64 -14.51
CA ILE C 106 11.70 -12.32 -14.94
C ILE C 106 11.41 -13.56 -15.79
N GLY C 107 10.13 -13.94 -15.87
CA GLY C 107 9.69 -14.93 -16.84
C GLY C 107 10.07 -14.50 -18.25
N ILE C 108 10.05 -13.19 -18.50
CA ILE C 108 10.51 -12.64 -19.78
C ILE C 108 12.00 -12.87 -19.99
N TRP C 109 12.80 -12.56 -18.99
CA TRP C 109 14.25 -12.75 -19.08
C TRP C 109 14.59 -14.20 -19.41
N ASN C 110 13.83 -15.12 -18.82
CA ASN C 110 14.12 -16.55 -18.90
C ASN C 110 13.49 -17.27 -20.10
N THR C 111 12.80 -16.52 -20.95
CA THR C 111 12.20 -17.08 -22.16
C THR C 111 12.61 -16.38 -23.46
N TYR C 112 12.97 -15.10 -23.40
CA TYR C 112 13.31 -14.38 -24.64
C TYR C 112 14.35 -15.11 -25.51
N PRO C 113 15.43 -15.63 -24.91
CA PRO C 113 16.42 -16.26 -25.80
C PRO C 113 15.87 -17.47 -26.55
N MET C 114 14.97 -18.24 -25.95
CA MET C 114 14.49 -19.43 -26.66
C MET C 114 13.41 -19.07 -27.68
N VAL C 115 12.77 -17.93 -27.49
CA VAL C 115 11.84 -17.44 -28.51
C VAL C 115 12.59 -16.98 -29.76
N VAL C 116 13.67 -16.23 -29.56
CA VAL C 116 14.40 -15.71 -30.71
C VAL C 116 15.18 -16.82 -31.44
N LYS C 117 15.64 -17.82 -30.69
CA LYS C 117 16.43 -18.90 -31.29
C LYS C 117 15.59 -20.05 -31.87
N ASN C 118 14.30 -20.07 -31.56
CA ASN C 118 13.40 -21.12 -32.02
C ASN C 118 12.05 -20.53 -32.44
N GLN C 119 12.08 -19.54 -33.34
CA GLN C 119 10.87 -18.80 -33.66
C GLN C 119 9.73 -19.68 -34.16
N ALA C 120 10.07 -20.72 -34.92
CA ALA C 120 9.06 -21.62 -35.49
C ALA C 120 8.28 -22.42 -34.42
N ASP C 121 8.86 -22.53 -33.23
CA ASP C 121 8.24 -23.24 -32.11
C ASP C 121 7.24 -22.38 -31.32
N ILE C 122 7.26 -21.06 -31.56
CA ILE C 122 6.41 -20.15 -30.81
C ILE C 122 5.30 -19.57 -31.69
N ALA C 123 4.07 -20.02 -31.46
CA ALA C 123 2.95 -19.58 -32.30
C ALA C 123 2.56 -18.13 -32.00
N ARG C 124 2.32 -17.83 -30.71
CA ARG C 124 1.91 -16.49 -30.27
C ARG C 124 2.58 -16.18 -28.94
N LEU C 125 2.81 -14.90 -28.66
CA LEU C 125 3.62 -14.49 -27.52
C LEU C 125 2.95 -13.39 -26.73
N VAL C 126 2.88 -13.55 -25.41
CA VAL C 126 2.42 -12.49 -24.53
C VAL C 126 3.44 -12.19 -23.44
N TYR C 127 3.91 -10.94 -23.39
CA TYR C 127 4.89 -10.53 -22.40
C TYR C 127 4.31 -9.42 -21.55
N MET C 128 4.50 -9.51 -20.23
CA MET C 128 3.98 -8.46 -19.34
C MET C 128 4.93 -8.05 -18.21
N GLU C 129 5.03 -6.75 -17.98
CA GLU C 129 5.58 -6.24 -16.72
C GLU C 129 7.03 -6.60 -16.38
N ALA C 130 7.92 -6.32 -17.33
CA ALA C 130 9.36 -6.26 -17.08
C ALA C 130 10.09 -5.89 -18.36
N PRO C 131 11.24 -5.23 -18.23
CA PRO C 131 12.04 -5.00 -19.44
C PRO C 131 12.72 -6.28 -19.90
N ILE C 132 12.82 -6.48 -21.21
CA ILE C 132 13.74 -7.46 -21.75
C ILE C 132 15.12 -6.92 -21.40
N PRO C 133 16.02 -7.78 -20.91
CA PRO C 133 17.35 -7.28 -20.54
C PRO C 133 18.12 -6.70 -21.73
N ASP C 134 18.35 -5.40 -21.67
CA ASP C 134 19.18 -4.70 -22.65
C ASP C 134 19.66 -3.37 -22.08
N ALA C 135 20.30 -2.56 -22.91
CA ALA C 135 20.89 -1.31 -22.45
C ALA C 135 19.90 -0.35 -21.78
N ARG C 136 18.61 -0.54 -22.05
CA ARG C 136 17.58 0.32 -21.46
C ARG C 136 17.53 0.21 -19.94
N ILE C 137 17.92 -0.94 -19.39
CA ILE C 137 17.85 -1.10 -17.94
C ILE C 137 18.81 -0.19 -17.19
N TYR C 138 19.83 0.31 -17.89
CA TYR C 138 20.80 1.20 -17.27
C TYR C 138 20.29 2.65 -17.24
N ARG C 139 19.11 2.88 -17.81
CA ARG C 139 18.55 4.24 -17.85
C ARG C 139 17.53 4.51 -16.75
N PHE C 140 17.07 3.47 -16.07
CA PHE C 140 16.12 3.62 -14.96
C PHE C 140 16.81 4.33 -13.80
N PRO C 141 16.08 5.22 -13.11
CA PRO C 141 16.71 6.01 -12.03
C PRO C 141 16.78 5.26 -10.69
N ALA C 142 17.77 5.59 -9.89
CA ALA C 142 17.93 5.05 -8.55
C ALA C 142 16.89 5.58 -7.57
N PHE C 143 16.41 6.79 -7.81
CA PHE C 143 15.56 7.51 -6.85
C PHE C 143 14.67 8.47 -7.61
N THR C 144 13.40 8.57 -7.23
CA THR C 144 12.48 9.46 -7.94
C THR C 144 11.91 10.55 -7.03
N ALA C 145 11.33 11.57 -7.65
N ALA C 145 11.46 11.63 -7.67
CA ALA C 145 10.71 12.65 -6.90
CA ALA C 145 10.93 12.80 -6.98
C ALA C 145 9.55 12.21 -5.99
C ALA C 145 9.51 12.54 -6.51
N GLN C 146 9.11 10.96 -6.13
N GLN C 146 8.76 11.84 -7.36
CA GLN C 146 8.01 10.43 -5.31
CA GLN C 146 7.40 11.46 -7.05
C GLN C 146 8.50 9.48 -4.20
C GLN C 146 7.30 9.95 -7.12
N GLY C 147 9.67 8.90 -4.41
N GLY C 147 6.48 9.37 -6.26
CA GLY C 147 10.26 7.95 -3.48
CA GLY C 147 6.39 7.93 -6.16
C GLY C 147 11.04 6.83 -4.16
C GLY C 147 7.73 7.33 -5.75
N GLU C 148 10.93 5.61 -3.63
N GLU C 148 8.00 6.12 -6.21
CA GLU C 148 11.69 4.50 -4.22
CA GLU C 148 9.24 5.42 -5.89
C GLU C 148 11.33 4.22 -5.68
C GLU C 148 9.86 4.75 -7.12
N SER C 149 12.34 3.88 -6.47
N SER C 149 11.20 4.76 -7.16
CA SER C 149 12.18 3.73 -7.92
CA SER C 149 11.96 4.02 -8.16
C SER C 149 11.73 2.34 -8.29
C SER C 149 11.51 2.56 -8.30
N LEU C 150 11.34 2.14 -9.53
CA LEU C 150 10.84 0.82 -9.90
C LEU C 150 11.87 -0.29 -9.73
N VAL C 151 13.12 -0.02 -10.08
CA VAL C 151 14.07 -1.12 -10.16
C VAL C 151 15.37 -0.91 -9.36
N TRP C 152 15.33 -0.12 -8.30
CA TRP C 152 16.50 0.02 -7.44
C TRP C 152 16.93 -1.33 -6.88
N HIS C 153 15.98 -2.25 -6.77
CA HIS C 153 16.28 -3.58 -6.24
C HIS C 153 17.22 -4.39 -7.14
N PHE C 154 17.33 -4.01 -8.42
CA PHE C 154 18.29 -4.68 -9.30
C PHE C 154 19.68 -4.62 -8.66
N SER C 155 20.06 -3.46 -8.13
CA SER C 155 21.37 -3.31 -7.50
C SER C 155 21.47 -4.05 -6.17
N PHE C 156 20.40 -3.97 -5.37
CA PHE C 156 20.35 -4.67 -4.08
C PHE C 156 20.53 -6.17 -4.28
N PHE C 157 19.78 -6.74 -5.21
CA PHE C 157 19.78 -8.17 -5.43
C PHE C 157 21.07 -8.67 -6.09
N ALA C 158 21.69 -7.81 -6.90
CA ALA C 158 22.92 -8.18 -7.62
C ALA C 158 24.18 -7.97 -6.78
N ALA C 159 24.05 -7.27 -5.65
CA ALA C 159 25.23 -6.90 -4.85
C ALA C 159 26.05 -8.11 -4.38
N ASP C 160 27.37 -7.94 -4.34
CA ASP C 160 28.28 -9.00 -3.88
C ASP C 160 28.08 -9.35 -2.40
N ASP C 161 28.84 -10.36 -1.95
CA ASP C 161 28.88 -10.76 -0.54
C ASP C 161 27.53 -11.23 -0.01
N ARG C 162 26.66 -11.69 -0.90
CA ARG C 162 25.32 -12.16 -0.52
C ARG C 162 24.60 -11.13 0.34
N LEU C 163 24.71 -9.87 -0.05
CA LEU C 163 24.10 -8.79 0.70
C LEU C 163 22.61 -9.03 0.94
N ALA C 164 21.85 -9.22 -0.13
CA ALA C 164 20.40 -9.36 -0.03
C ALA C 164 19.95 -10.58 0.78
N GLU C 165 20.54 -11.73 0.50
CA GLU C 165 20.21 -12.96 1.25
CA GLU C 165 20.23 -12.96 1.22
C GLU C 165 20.53 -12.81 2.72
N THR C 166 21.65 -12.18 3.02
CA THR C 166 22.09 -12.07 4.40
C THR C 166 21.15 -11.18 5.20
N LEU C 167 20.68 -10.11 4.58
CA LEU C 167 19.77 -9.19 5.25
C LEU C 167 18.33 -9.72 5.32
N ILE C 168 17.90 -10.44 4.30
CA ILE C 168 16.50 -10.87 4.19
C ILE C 168 16.21 -12.21 4.91
N ALA C 169 17.23 -13.04 5.09
CA ALA C 169 17.04 -14.33 5.78
C ALA C 169 16.40 -14.14 7.16
N GLY C 170 15.34 -14.86 7.44
CA GLY C 170 14.61 -14.71 8.70
C GLY C 170 13.58 -13.59 8.67
N LYS C 171 13.56 -12.82 7.58
CA LYS C 171 12.64 -11.70 7.44
C LYS C 171 11.96 -11.75 6.08
N GLU C 172 11.83 -12.95 5.52
CA GLU C 172 11.32 -13.11 4.16
C GLU C 172 9.88 -12.64 4.01
N ARG C 173 9.06 -12.95 5.01
CA ARG C 173 7.63 -12.64 4.96
C ARG C 173 7.39 -11.14 5.03
N PHE C 174 8.17 -10.47 5.89
CA PHE C 174 8.15 -9.03 5.98
C PHE C 174 8.60 -8.39 4.67
N PHE C 175 9.73 -8.88 4.14
CA PHE C 175 10.27 -8.28 2.93
C PHE C 175 9.29 -8.42 1.76
N LEU C 176 8.75 -9.61 1.58
CA LEU C 176 7.91 -9.85 0.41
C LEU C 176 6.65 -9.00 0.46
N GLU C 177 6.05 -8.83 1.64
CA GLU C 177 4.88 -7.96 1.72
C GLU C 177 5.23 -6.54 1.31
N HIS C 178 6.36 -6.03 1.79
CA HIS C 178 6.79 -4.70 1.34
C HIS C 178 7.05 -4.62 -0.16
N PHE C 179 7.80 -5.59 -0.70
CA PHE C 179 8.16 -5.58 -2.11
C PHE C 179 6.90 -5.64 -2.97
N ILE C 180 5.99 -6.55 -2.63
CA ILE C 180 4.80 -6.72 -3.45
C ILE C 180 3.93 -5.46 -3.37
N LYS C 181 3.62 -5.02 -2.16
CA LYS C 181 2.71 -3.88 -2.04
C LYS C 181 3.30 -2.58 -2.62
N SER C 182 4.61 -2.40 -2.49
CA SER C 182 5.25 -1.20 -3.04
C SER C 182 5.21 -1.17 -4.57
N HIS C 183 5.01 -2.33 -5.19
CA HIS C 183 4.89 -2.42 -6.65
C HIS C 183 3.45 -2.61 -7.12
N ALA C 184 2.48 -2.33 -6.26
CA ALA C 184 1.07 -2.54 -6.57
C ALA C 184 0.26 -1.24 -6.58
N SER C 185 -0.82 -1.25 -7.36
CA SER C 185 -1.84 -0.18 -7.32
C SER C 185 -2.99 -0.67 -6.46
N ASN C 186 -3.43 -1.91 -6.71
CA ASN C 186 -4.49 -2.55 -5.94
CA ASN C 186 -4.49 -2.54 -5.94
C ASN C 186 -3.89 -3.48 -4.89
N THR C 187 -3.45 -2.90 -3.78
CA THR C 187 -2.75 -3.70 -2.76
C THR C 187 -3.67 -4.67 -2.03
N GLU C 188 -4.98 -4.38 -2.08
CA GLU C 188 -5.96 -5.11 -1.30
CA GLU C 188 -5.98 -5.11 -1.31
C GLU C 188 -6.06 -6.61 -1.64
N VAL C 189 -5.63 -6.99 -2.84
CA VAL C 189 -5.68 -8.40 -3.23
C VAL C 189 -4.59 -9.24 -2.55
N PHE C 190 -3.60 -8.58 -1.99
CA PHE C 190 -2.53 -9.30 -1.26
C PHE C 190 -2.85 -9.47 0.21
N SER C 191 -3.80 -10.36 0.45
CA SER C 191 -4.21 -10.72 1.80
C SER C 191 -3.03 -11.30 2.57
N GLU C 192 -3.14 -11.25 3.90
CA GLU C 192 -2.11 -11.85 4.74
C GLU C 192 -1.97 -13.33 4.43
N ARG C 193 -3.10 -13.98 4.16
CA ARG C 193 -3.13 -15.39 3.79
C ARG C 193 -2.35 -15.69 2.50
N LEU C 194 -2.55 -14.87 1.48
CA LEU C 194 -1.86 -15.08 0.20
C LEU C 194 -0.37 -14.80 0.35
N LEU C 195 -0.03 -13.74 1.09
CA LEU C 195 1.36 -13.41 1.34
C LEU C 195 2.06 -14.54 2.12
N ASP C 196 1.35 -15.14 3.07
CA ASP C 196 1.90 -16.27 3.83
C ASP C 196 2.31 -17.39 2.87
N LEU C 197 1.45 -17.66 1.90
CA LEU C 197 1.71 -18.74 0.93
C LEU C 197 2.95 -18.45 0.08
N TYR C 198 3.03 -17.25 -0.48
CA TYR C 198 4.18 -16.91 -1.31
C TYR C 198 5.47 -16.86 -0.50
N ALA C 199 5.38 -16.33 0.71
CA ALA C 199 6.58 -16.17 1.54
C ALA C 199 7.17 -17.51 1.93
N ARG C 200 6.33 -18.48 2.29
CA ARG C 200 6.87 -19.74 2.76
C ARG C 200 7.60 -20.49 1.65
N SER C 201 7.21 -20.25 0.40
CA SER C 201 7.91 -20.84 -0.74
C SER C 201 9.28 -20.20 -0.99
N TYR C 202 9.32 -18.87 -1.04
CA TYR C 202 10.61 -18.23 -1.38
C TYR C 202 11.56 -18.14 -0.18
N ALA C 203 11.05 -18.45 1.01
CA ALA C 203 11.88 -18.52 2.20
C ALA C 203 12.73 -19.79 2.30
N LYS C 204 12.43 -20.81 1.49
CA LYS C 204 13.32 -21.96 1.43
C LYS C 204 14.71 -21.42 1.06
N PRO C 205 15.73 -21.73 1.87
CA PRO C 205 17.06 -21.14 1.66
C PRO C 205 17.55 -21.18 0.21
N HIS C 206 17.40 -22.32 -0.46
CA HIS C 206 17.83 -22.40 -1.85
C HIS C 206 17.00 -21.53 -2.79
N SER C 207 15.73 -21.29 -2.44
CA SER C 207 14.87 -20.44 -3.25
C SER C 207 15.18 -18.95 -3.06
N LEU C 208 15.50 -18.57 -1.83
CA LEU C 208 15.90 -17.19 -1.55
C LEU C 208 17.17 -16.87 -2.33
N ASN C 209 18.14 -17.79 -2.28
CA ASN C 209 19.37 -17.62 -3.04
C ASN C 209 19.12 -17.62 -4.54
N ALA C 210 18.32 -18.56 -5.03
CA ALA C 210 18.03 -18.64 -6.46
C ALA C 210 17.40 -17.34 -6.97
N SER C 211 16.44 -16.81 -6.22
CA SER C 211 15.77 -15.55 -6.57
C SER C 211 16.80 -14.49 -6.95
N PHE C 212 17.84 -14.35 -6.13
CA PHE C 212 18.80 -13.27 -6.35
C PHE C 212 19.84 -13.60 -7.42
N GLU C 213 20.06 -14.88 -7.68
CA GLU C 213 21.01 -15.28 -8.72
C GLU C 213 20.53 -14.83 -10.11
N TYR C 214 19.22 -14.74 -10.31
CA TYR C 214 18.68 -14.23 -11.58
C TYR C 214 19.15 -12.78 -11.81
N TYR C 215 19.27 -12.03 -10.72
CA TYR C 215 19.70 -10.63 -10.81
C TYR C 215 21.21 -10.52 -10.92
N ARG C 216 21.93 -11.42 -10.24
CA ARG C 216 23.38 -11.51 -10.40
C ARG C 216 23.79 -11.90 -11.83
N ALA C 217 22.87 -12.54 -12.57
CA ALA C 217 23.12 -12.89 -13.97
C ALA C 217 22.57 -11.87 -14.97
N LEU C 218 21.94 -10.81 -14.48
CA LEU C 218 21.29 -9.84 -15.36
C LEU C 218 22.23 -9.19 -16.40
N ASN C 219 23.40 -8.77 -15.97
CA ASN C 219 24.33 -8.15 -16.91
C ASN C 219 24.82 -9.12 -17.99
N GLU C 220 24.97 -10.39 -17.61
CA GLU C 220 25.27 -11.43 -18.59
C GLU C 220 24.12 -11.57 -19.60
N SER C 221 22.89 -11.54 -19.10
CA SER C 221 21.71 -11.65 -19.95
C SER C 221 21.65 -10.47 -20.94
N VAL C 222 21.96 -9.27 -20.45
CA VAL C 222 22.04 -8.09 -21.32
C VAL C 222 23.05 -8.33 -22.45
N ARG C 223 24.23 -8.85 -22.11
CA ARG C 223 25.26 -9.12 -23.11
C ARG C 223 24.79 -10.17 -24.12
N GLN C 224 24.12 -11.21 -23.64
CA GLN C 224 23.60 -12.26 -24.52
C GLN C 224 22.59 -11.70 -25.50
N ASN C 225 21.69 -10.87 -24.99
CA ASN C 225 20.59 -10.33 -25.78
C ASN C 225 21.03 -9.31 -26.82
N ALA C 226 22.21 -8.74 -26.61
CA ALA C 226 22.75 -7.77 -27.57
C ALA C 226 22.96 -8.47 -28.91
N GLU C 227 23.43 -9.70 -28.86
CA GLU C 227 23.62 -10.51 -30.06
C GLU C 227 22.29 -11.01 -30.60
N LEU C 228 21.46 -11.54 -29.71
CA LEU C 228 20.20 -12.14 -30.11
C LEU C 228 19.26 -11.15 -30.79
N ALA C 229 19.28 -9.89 -30.36
CA ALA C 229 18.33 -8.89 -30.85
C ALA C 229 18.61 -8.47 -32.29
N LYS C 230 19.66 -9.00 -32.89
CA LYS C 230 19.95 -8.72 -34.30
C LYS C 230 18.92 -9.37 -35.22
N THR C 231 18.14 -10.30 -34.67
CA THR C 231 17.05 -10.96 -35.38
C THR C 231 15.72 -10.60 -34.73
N ARG C 232 14.87 -9.89 -35.46
CA ARG C 232 13.58 -9.43 -34.95
C ARG C 232 12.57 -10.57 -34.85
N LEU C 233 11.66 -10.49 -33.86
CA LEU C 233 10.64 -11.51 -33.68
C LEU C 233 9.51 -11.38 -34.70
N GLN C 234 9.11 -12.50 -35.29
CA GLN C 234 8.14 -12.48 -36.39
C GLN C 234 6.73 -12.97 -36.03
N MET C 235 6.57 -13.57 -34.86
CA MET C 235 5.25 -14.10 -34.48
C MET C 235 4.39 -13.02 -33.83
N PRO C 236 3.05 -13.19 -33.90
CA PRO C 236 2.15 -12.23 -33.24
C PRO C 236 2.47 -12.08 -31.76
N THR C 237 2.58 -10.83 -31.31
CA THR C 237 3.00 -10.55 -29.95
C THR C 237 2.07 -9.53 -29.32
N MET C 238 1.80 -9.69 -28.01
CA MET C 238 1.06 -8.70 -27.25
C MET C 238 1.83 -8.36 -25.97
N THR C 239 1.89 -7.07 -25.63
CA THR C 239 2.46 -6.64 -24.34
C THR C 239 1.37 -6.10 -23.44
N LEU C 240 1.49 -6.40 -22.14
CA LEU C 240 0.66 -5.77 -21.11
C LEU C 240 1.53 -5.11 -20.05
N ALA C 241 1.04 -4.00 -19.51
CA ALA C 241 1.75 -3.30 -18.45
C ALA C 241 0.70 -2.63 -17.57
N GLY C 242 1.05 -2.42 -16.31
CA GLY C 242 0.17 -1.67 -15.43
C GLY C 242 0.40 -0.18 -15.60
N GLY C 243 -0.68 0.60 -15.54
CA GLY C 243 -0.60 2.04 -15.62
C GLY C 243 -0.63 2.72 -14.27
N GLY C 244 -0.87 1.94 -13.22
CA GLY C 244 -0.92 2.46 -11.86
C GLY C 244 0.42 2.35 -11.15
N HIS C 245 0.40 2.64 -9.85
CA HIS C 245 1.62 2.57 -9.03
C HIS C 245 2.35 1.25 -9.18
N GLY C 246 3.65 1.32 -9.48
CA GLY C 246 4.46 0.10 -9.53
C GLY C 246 4.55 -0.57 -10.89
N GLY C 247 3.79 -0.06 -11.86
CA GLY C 247 3.76 -0.63 -13.19
C GLY C 247 4.74 0.00 -14.16
N MET C 248 4.97 -0.70 -15.27
CA MET C 248 5.92 -0.26 -16.29
C MET C 248 5.37 0.79 -17.25
N GLY C 249 4.05 0.96 -17.29
CA GLY C 249 3.44 1.95 -18.16
C GLY C 249 3.77 1.78 -19.64
N THR C 250 4.06 2.88 -20.31
CA THR C 250 4.30 2.82 -21.75
C THR C 250 5.62 2.18 -22.15
N PHE C 251 6.50 1.96 -21.17
CA PHE C 251 7.82 1.39 -21.48
C PHE C 251 7.72 0.02 -22.14
N GLN C 252 6.78 -0.79 -21.67
CA GLN C 252 6.68 -2.17 -22.12
C GLN C 252 6.51 -2.27 -23.65
N LEU C 253 5.52 -1.58 -24.18
CA LEU C 253 5.27 -1.60 -25.63
C LEU C 253 6.38 -0.87 -26.40
N GLU C 254 6.86 0.25 -25.87
CA GLU C 254 7.88 1.01 -26.57
C GLU C 254 9.14 0.20 -26.79
N GLN C 255 9.56 -0.56 -25.77
CA GLN C 255 10.73 -1.43 -25.92
C GLN C 255 10.44 -2.58 -26.89
N MET C 256 9.26 -3.17 -26.77
CA MET C 256 8.93 -4.34 -27.59
C MET C 256 8.88 -4.02 -29.09
N LYS C 257 8.53 -2.79 -29.44
CA LYS C 257 8.52 -2.38 -30.84
C LYS C 257 9.90 -2.54 -31.50
N ALA C 258 10.97 -2.47 -30.71
CA ALA C 258 12.31 -2.62 -31.26
C ALA C 258 12.65 -4.09 -31.49
N TYR C 259 11.86 -4.98 -30.89
CA TYR C 259 12.12 -6.42 -30.92
C TYR C 259 11.18 -7.21 -31.82
N ALA C 260 9.98 -6.68 -32.07
CA ALA C 260 8.95 -7.45 -32.76
C ALA C 260 8.36 -6.73 -33.97
N GLU C 261 8.07 -7.50 -35.02
CA GLU C 261 7.44 -6.97 -36.23
C GLU C 261 5.95 -6.71 -36.00
N ASP C 262 5.33 -7.62 -35.26
CA ASP C 262 3.88 -7.66 -35.12
C ASP C 262 3.56 -7.56 -33.62
N VAL C 263 3.34 -6.35 -33.14
CA VAL C 263 3.09 -6.15 -31.70
C VAL C 263 1.94 -5.19 -31.41
N GLU C 264 1.07 -5.60 -30.49
CA GLU C 264 0.05 -4.71 -29.95
C GLU C 264 0.24 -4.63 -28.44
N GLY C 265 -0.01 -3.46 -27.86
CA GLY C 265 0.25 -3.26 -26.45
C GLY C 265 -0.91 -2.63 -25.72
N HIS C 266 -1.03 -2.94 -24.42
CA HIS C 266 -2.05 -2.36 -23.56
C HIS C 266 -1.47 -1.93 -22.22
N VAL C 267 -1.92 -0.79 -21.74
CA VAL C 267 -1.61 -0.33 -20.40
C VAL C 267 -2.90 -0.38 -19.61
N LEU C 268 -2.91 -1.10 -18.50
CA LEU C 268 -4.12 -1.29 -17.70
C LEU C 268 -4.18 -0.26 -16.57
N PRO C 269 -5.16 0.65 -16.63
CA PRO C 269 -5.25 1.70 -15.60
C PRO C 269 -5.65 1.15 -14.23
N GLY C 270 -5.09 1.72 -13.17
CA GLY C 270 -5.44 1.26 -11.83
C GLY C 270 -4.83 -0.08 -11.45
N CYS C 271 -3.82 -0.50 -12.20
CA CYS C 271 -3.15 -1.79 -11.99
C CYS C 271 -1.65 -1.55 -11.97
N GLY C 272 -0.96 -2.20 -11.03
CA GLY C 272 0.49 -2.09 -10.92
C GLY C 272 1.25 -3.21 -11.59
N HIS C 273 2.24 -3.76 -10.89
CA HIS C 273 3.09 -4.80 -11.45
C HIS C 273 2.41 -6.17 -11.52
N TRP C 274 1.52 -6.46 -10.57
CA TRP C 274 1.04 -7.82 -10.35
C TRP C 274 -0.28 -8.05 -11.07
N LEU C 275 -0.24 -7.92 -12.39
CA LEU C 275 -1.47 -7.91 -13.20
C LEU C 275 -2.46 -9.07 -12.98
N PRO C 276 -1.96 -10.33 -12.92
CA PRO C 276 -2.94 -11.42 -12.79
C PRO C 276 -3.77 -11.37 -11.51
N GLU C 277 -3.23 -10.76 -10.46
CA GLU C 277 -3.91 -10.69 -9.18
C GLU C 277 -4.61 -9.35 -8.95
N GLU C 278 -3.95 -8.26 -9.35
CA GLU C 278 -4.53 -6.93 -9.14
C GLU C 278 -5.70 -6.68 -10.07
N CYS C 279 -5.62 -7.23 -11.27
CA CYS C 279 -6.58 -6.89 -12.31
C CYS C 279 -6.91 -8.12 -13.15
N ALA C 280 -7.36 -9.16 -12.46
CA ALA C 280 -7.66 -10.44 -13.07
C ALA C 280 -8.66 -10.39 -14.22
N ALA C 281 -9.78 -9.70 -14.06
CA ALA C 281 -10.79 -9.71 -15.11
C ALA C 281 -10.30 -9.12 -16.44
N PRO C 282 -9.78 -7.88 -16.43
CA PRO C 282 -9.35 -7.37 -17.74
C PRO C 282 -8.08 -8.04 -18.28
N MET C 283 -7.16 -8.44 -17.41
CA MET C 283 -5.94 -9.08 -17.89
C MET C 283 -6.28 -10.45 -18.49
N ASN C 284 -7.07 -11.25 -17.78
CA ASN C 284 -7.43 -12.56 -18.31
C ASN C 284 -8.14 -12.46 -19.66
N ARG C 285 -9.03 -11.48 -19.79
CA ARG C 285 -9.77 -11.27 -21.03
C ARG C 285 -8.82 -10.96 -22.17
N LEU C 286 -7.89 -10.04 -21.92
CA LEU C 286 -6.93 -9.66 -22.95
C LEU C 286 -6.13 -10.86 -23.41
N VAL C 287 -5.64 -11.67 -22.47
CA VAL C 287 -4.83 -12.84 -22.82
C VAL C 287 -5.63 -13.93 -23.57
N ILE C 288 -6.80 -14.28 -23.04
CA ILE C 288 -7.65 -15.30 -23.67
C ILE C 288 -8.03 -14.89 -25.10
N ASP C 289 -8.43 -13.64 -25.28
CA ASP C 289 -8.82 -13.18 -26.62
C ASP C 289 -7.64 -13.24 -27.59
N PHE C 290 -6.47 -12.83 -27.14
CA PHE C 290 -5.29 -12.74 -28.02
C PHE C 290 -4.86 -14.13 -28.48
N LEU C 291 -4.87 -15.07 -27.54
CA LEU C 291 -4.48 -16.44 -27.84
C LEU C 291 -5.54 -17.17 -28.65
N SER C 292 -6.79 -16.77 -28.50
CA SER C 292 -7.87 -17.43 -29.24
C SER C 292 -7.98 -17.00 -30.70
N ARG C 293 -7.18 -16.02 -31.12
CA ARG C 293 -7.17 -15.60 -32.52
C ARG C 293 -6.65 -16.72 -33.42
N ALA D 1 31.66 7.22 29.41
CA ALA D 1 32.27 6.52 28.29
C ALA D 1 32.06 7.29 26.99
N GLU D 2 32.96 7.06 26.03
CA GLU D 2 32.90 7.72 24.72
C GLU D 2 32.83 6.64 23.66
N GLU D 3 32.05 6.88 22.61
CA GLU D 3 31.98 5.92 21.52
C GLU D 3 33.30 5.87 20.75
N PHE D 4 34.01 7.00 20.68
CA PHE D 4 35.26 7.08 19.94
C PHE D 4 36.32 7.83 20.74
N PRO D 5 37.59 7.47 20.57
CA PRO D 5 38.61 8.12 21.40
C PRO D 5 38.88 9.58 21.02
N VAL D 6 38.92 10.45 22.02
CA VAL D 6 39.14 11.88 21.79
C VAL D 6 40.63 12.21 21.67
N PRO D 7 41.02 13.01 20.66
CA PRO D 7 42.45 13.33 20.54
C PRO D 7 42.94 14.18 21.70
N ASN D 8 44.24 14.11 21.96
CA ASN D 8 44.84 14.96 22.99
C ASN D 8 44.57 16.42 22.69
N GLY D 9 44.26 17.21 23.71
CA GLY D 9 44.02 18.62 23.53
C GLY D 9 42.60 18.95 23.11
N PHE D 10 41.77 17.93 22.97
CA PHE D 10 40.36 18.13 22.67
C PHE D 10 39.50 17.68 23.83
N GLU D 11 38.28 18.20 23.90
CA GLU D 11 37.30 17.77 24.89
C GLU D 11 36.00 17.31 24.24
N SER D 12 35.38 16.31 24.84
CA SER D 12 34.05 15.87 24.45
C SER D 12 33.03 16.57 25.35
N ALA D 13 32.02 17.19 24.75
CA ALA D 13 31.07 17.97 25.52
C ALA D 13 29.71 18.01 24.86
N TYR D 14 28.74 18.67 25.51
CA TYR D 14 27.38 18.74 25.02
C TYR D 14 26.83 20.14 25.18
N ARG D 15 25.93 20.53 24.28
CA ARG D 15 25.20 21.79 24.43
C ARG D 15 23.75 21.56 24.01
N GLU D 16 22.81 22.19 24.73
CA GLU D 16 21.42 22.17 24.33
C GLU D 16 21.19 23.22 23.25
N VAL D 17 20.54 22.82 22.17
CA VAL D 17 20.15 23.73 21.11
C VAL D 17 18.68 23.47 20.78
N ASP D 18 17.83 24.46 21.03
CA ASP D 18 16.39 24.31 20.84
C ASP D 18 15.86 23.01 21.47
N GLY D 19 16.30 22.75 22.70
CA GLY D 19 15.83 21.60 23.47
C GLY D 19 16.42 20.25 23.09
N VAL D 20 17.41 20.27 22.20
CA VAL D 20 18.06 19.03 21.76
C VAL D 20 19.52 19.03 22.22
N LYS D 21 19.92 17.95 22.88
CA LYS D 21 21.27 17.85 23.44
C LYS D 21 22.23 17.34 22.39
N LEU D 22 23.10 18.22 21.89
CA LEU D 22 24.03 17.86 20.83
C LEU D 22 25.39 17.53 21.41
N HIS D 23 26.00 16.44 20.92
CA HIS D 23 27.37 16.09 21.29
C HIS D 23 28.36 16.70 20.31
N TYR D 24 29.52 17.11 20.80
CA TYR D 24 30.61 17.56 19.93
C TYR D 24 31.95 17.34 20.58
N VAL D 25 32.99 17.40 19.76
CA VAL D 25 34.37 17.36 20.24
C VAL D 25 35.04 18.64 19.77
N LYS D 26 35.72 19.31 20.70
CA LYS D 26 36.21 20.67 20.45
C LYS D 26 37.62 20.89 20.99
N GLY D 27 38.43 21.64 20.25
CA GLY D 27 39.79 21.98 20.69
C GLY D 27 40.38 23.08 19.84
N GLY D 28 41.51 23.63 20.26
CA GLY D 28 42.21 24.62 19.47
C GLY D 28 41.92 26.05 19.87
N GLN D 29 42.53 26.98 19.15
CA GLN D 29 42.36 28.41 19.43
C GLN D 29 42.34 29.16 18.11
N GLY D 30 41.62 30.28 18.07
CA GLY D 30 41.50 31.08 16.87
C GLY D 30 40.07 31.06 16.37
N PRO D 31 39.85 31.55 15.13
CA PRO D 31 38.52 31.54 14.52
C PRO D 31 37.95 30.12 14.47
N LEU D 32 36.62 30.03 14.49
CA LEU D 32 35.95 28.72 14.53
C LEU D 32 35.87 28.05 13.18
N VAL D 33 36.14 26.73 13.16
CA VAL D 33 35.84 25.89 12.00
C VAL D 33 34.96 24.74 12.50
N MET D 34 33.79 24.57 11.88
CA MET D 34 32.92 23.45 12.22
C MET D 34 33.03 22.38 11.13
N LEU D 35 33.24 21.14 11.55
CA LEU D 35 33.40 19.98 10.67
C LEU D 35 32.18 19.08 10.84
N VAL D 36 31.48 18.78 9.75
CA VAL D 36 30.20 18.04 9.82
C VAL D 36 30.27 16.73 9.03
N HIS D 37 30.15 15.61 9.76
CA HIS D 37 30.19 14.27 9.19
C HIS D 37 28.94 13.87 8.41
N GLY D 38 28.99 12.66 7.84
CA GLY D 38 27.89 12.12 7.07
C GLY D 38 27.43 10.74 7.51
N PHE D 39 26.71 10.08 6.62
CA PHE D 39 26.09 8.80 6.93
C PHE D 39 27.13 7.72 7.24
N GLY D 40 26.79 6.87 8.21
CA GLY D 40 27.61 5.70 8.54
C GLY D 40 28.73 6.07 9.49
N GLN D 41 28.83 7.36 9.80
CA GLN D 41 29.96 7.86 10.58
C GLN D 41 29.51 8.86 11.65
N THR D 42 30.49 9.48 12.31
CA THR D 42 30.27 10.41 13.42
C THR D 42 31.37 11.47 13.36
N TRP D 43 31.47 12.29 14.40
CA TRP D 43 32.55 13.29 14.49
C TRP D 43 33.92 12.67 14.23
N TYR D 44 34.07 11.39 14.55
CA TYR D 44 35.37 10.73 14.54
C TYR D 44 36.02 10.66 13.16
N GLU D 45 35.25 10.79 12.08
CA GLU D 45 35.86 10.75 10.75
C GLU D 45 36.86 11.91 10.60
N TRP D 46 36.69 12.95 11.41
CA TRP D 46 37.56 14.11 11.36
C TRP D 46 38.75 14.05 12.31
N HIS D 47 38.95 12.91 12.99
CA HIS D 47 39.93 12.89 14.08
C HIS D 47 41.39 13.07 13.64
N GLN D 48 41.69 12.80 12.36
CA GLN D 48 43.05 13.00 11.87
C GLN D 48 43.29 14.45 11.44
N LEU D 49 42.26 15.08 10.89
CA LEU D 49 42.37 16.48 10.48
C LEU D 49 42.39 17.41 11.68
N MET D 50 41.63 17.05 12.72
CA MET D 50 41.43 17.93 13.87
C MET D 50 42.70 18.48 14.53
N PRO D 51 43.67 17.62 14.90
CA PRO D 51 44.85 18.15 15.58
C PRO D 51 45.62 19.17 14.74
N GLU D 52 45.71 18.92 13.44
CA GLU D 52 46.44 19.83 12.56
C GLU D 52 45.73 21.18 12.37
N LEU D 53 44.41 21.14 12.22
CA LEU D 53 43.61 22.36 12.10
C LEU D 53 43.63 23.16 13.40
N ALA D 54 43.71 22.46 14.53
CA ALA D 54 43.63 23.08 15.85
C ALA D 54 44.86 23.93 16.15
N LYS D 55 45.88 23.83 15.31
CA LYS D 55 47.06 24.66 15.45
C LYS D 55 46.79 26.10 15.04
N ARG D 56 45.71 26.31 14.27
CA ARG D 56 45.42 27.63 13.71
C ARG D 56 43.97 28.06 13.94
N PHE D 57 43.11 27.12 14.32
CA PHE D 57 41.69 27.40 14.49
C PHE D 57 41.12 26.76 15.74
N THR D 58 40.01 27.30 16.23
CA THR D 58 39.18 26.57 17.18
C THR D 58 38.35 25.61 16.35
N VAL D 59 38.43 24.32 16.66
CA VAL D 59 37.78 23.31 15.84
C VAL D 59 36.65 22.63 16.60
N ILE D 60 35.45 22.57 16.01
CA ILE D 60 34.34 21.85 16.61
C ILE D 60 33.77 20.83 15.62
N ALA D 61 33.60 19.59 16.09
CA ALA D 61 33.05 18.54 15.25
C ALA D 61 31.86 17.90 15.96
N PRO D 62 30.65 18.28 15.55
CA PRO D 62 29.44 17.76 16.21
C PRO D 62 28.99 16.42 15.64
N ASP D 63 28.26 15.65 16.44
CA ASP D 63 27.50 14.51 15.92
C ASP D 63 26.16 15.04 15.41
N LEU D 64 25.77 14.63 14.20
CA LEU D 64 24.49 15.03 13.65
C LEU D 64 23.37 14.56 14.58
N PRO D 65 22.25 15.31 14.64
CA PRO D 65 21.13 14.90 15.49
C PRO D 65 20.74 13.44 15.28
N GLY D 66 20.62 12.70 16.39
CA GLY D 66 20.24 11.30 16.35
C GLY D 66 21.40 10.35 16.13
N LEU D 67 22.52 10.87 15.61
CA LEU D 67 23.70 10.04 15.36
C LEU D 67 24.77 10.26 16.41
N GLY D 68 25.77 9.38 16.43
CA GLY D 68 26.77 9.40 17.50
C GLY D 68 26.12 9.54 18.86
N GLN D 69 26.53 10.56 19.60
CA GLN D 69 26.00 10.76 20.96
C GLN D 69 25.03 11.95 21.03
N SER D 70 24.53 12.38 19.88
CA SER D 70 23.57 13.48 19.81
C SER D 70 22.12 13.01 19.86
N GLU D 71 21.29 13.76 20.57
CA GLU D 71 19.88 13.47 20.67
C GLU D 71 19.22 13.67 19.31
N PRO D 72 18.19 12.86 18.98
CA PRO D 72 17.45 13.10 17.75
C PRO D 72 16.81 14.51 17.71
N PRO D 73 16.57 15.05 16.50
CA PRO D 73 15.94 16.37 16.38
C PRO D 73 14.51 16.33 16.88
N LYS D 74 14.02 17.46 17.39
CA LYS D 74 12.64 17.53 17.84
C LYS D 74 11.74 18.14 16.78
N THR D 75 12.34 18.73 15.76
CA THR D 75 11.56 19.27 14.65
C THR D 75 11.44 18.25 13.53
N GLY D 76 12.55 17.94 12.87
CA GLY D 76 12.53 16.99 11.78
C GLY D 76 13.90 16.81 11.18
N TYR D 77 14.00 15.98 10.14
CA TYR D 77 15.28 15.60 9.55
C TYR D 77 15.50 16.23 8.16
N SER D 78 14.63 17.13 7.75
CA SER D 78 14.85 17.85 6.50
C SER D 78 16.03 18.78 6.65
N GLY D 79 16.66 19.13 5.53
CA GLY D 79 17.84 19.95 5.54
C GLY D 79 17.64 21.27 6.25
N GLU D 80 16.52 21.94 6.01
CA GLU D 80 16.28 23.22 6.69
C GLU D 80 16.16 23.06 8.20
N GLN D 81 15.53 21.98 8.64
CA GLN D 81 15.32 21.80 10.07
C GLN D 81 16.63 21.46 10.78
N VAL D 82 17.40 20.54 10.19
CA VAL D 82 18.64 20.13 10.83
C VAL D 82 19.65 21.28 10.82
N ALA D 83 19.67 22.05 9.73
CA ALA D 83 20.60 23.17 9.62
C ALA D 83 20.43 24.21 10.74
N VAL D 84 19.20 24.39 11.22
CA VAL D 84 18.97 25.30 12.35
C VAL D 84 19.81 24.90 13.57
N TYR D 85 19.80 23.61 13.90
CA TYR D 85 20.58 23.11 15.04
C TYR D 85 22.07 23.38 14.89
N LEU D 86 22.60 23.07 13.70
CA LEU D 86 24.04 23.22 13.46
C LEU D 86 24.46 24.69 13.41
N HIS D 87 23.62 25.55 12.82
CA HIS D 87 23.93 26.98 12.77
C HIS D 87 23.94 27.57 14.19
N LYS D 88 22.92 27.24 14.97
CA LYS D 88 22.82 27.78 16.32
C LYS D 88 23.94 27.25 17.22
N LEU D 89 24.34 26.01 17.02
CA LEU D 89 25.47 25.47 17.80
C LEU D 89 26.75 26.25 17.47
N ALA D 90 27.02 26.46 16.19
CA ALA D 90 28.22 27.20 15.79
C ALA D 90 28.20 28.61 16.36
N ARG D 91 27.03 29.25 16.29
CA ARG D 91 26.91 30.62 16.78
C ARG D 91 27.08 30.75 18.30
N GLN D 92 26.84 29.68 19.05
CA GLN D 92 27.15 29.69 20.48
C GLN D 92 28.65 29.93 20.71
N PHE D 93 29.47 29.43 19.80
CA PHE D 93 30.91 29.52 19.96
C PHE D 93 31.54 30.64 19.14
N SER D 94 30.83 31.10 18.12
CA SER D 94 31.33 32.19 17.29
C SER D 94 30.24 33.26 17.05
N PRO D 95 29.78 33.91 18.13
CA PRO D 95 28.68 34.88 17.98
C PRO D 95 29.05 36.17 17.23
N ASP D 96 30.32 36.57 17.26
CA ASP D 96 30.73 37.89 16.75
C ASP D 96 31.57 37.87 15.47
N ARG D 97 31.87 36.68 14.96
CA ARG D 97 32.67 36.53 13.76
C ARG D 97 32.05 35.45 12.88
N PRO D 98 32.22 35.55 11.56
CA PRO D 98 31.82 34.41 10.75
C PRO D 98 32.71 33.20 11.03
N PHE D 99 32.20 32.00 10.77
CA PHE D 99 32.98 30.80 10.99
C PHE D 99 33.18 30.04 9.67
N ASP D 100 34.14 29.13 9.64
CA ASP D 100 34.33 28.27 8.47
C ASP D 100 33.54 26.98 8.62
N LEU D 101 33.14 26.43 7.48
CA LEU D 101 32.36 25.19 7.47
C LEU D 101 32.97 24.17 6.52
N VAL D 102 33.21 22.96 7.02
CA VAL D 102 33.65 21.84 6.20
C VAL D 102 32.62 20.72 6.37
N ALA D 103 32.08 20.20 5.27
CA ALA D 103 31.07 19.15 5.39
C ALA D 103 31.26 18.03 4.37
N HIS D 104 30.89 16.81 4.79
CA HIS D 104 31.06 15.59 4.01
C HIS D 104 29.74 14.83 3.92
N ASP D 105 29.42 14.30 2.73
CA ASP D 105 28.27 13.39 2.60
C ASP D 105 26.99 14.12 3.06
N ILE D 106 26.14 13.50 3.87
CA ILE D 106 24.88 14.17 4.25
C ILE D 106 25.10 15.39 5.15
N GLY D 107 26.34 15.60 5.59
CA GLY D 107 26.67 16.85 6.27
C GLY D 107 26.42 18.05 5.35
N ILE D 108 26.54 17.84 4.05
CA ILE D 108 26.18 18.86 3.07
C ILE D 108 24.68 19.15 3.09
N TRP D 109 23.87 18.09 3.07
CA TRP D 109 22.42 18.24 3.08
C TRP D 109 21.96 19.04 4.29
N ASN D 110 22.63 18.79 5.41
CA ASN D 110 22.25 19.35 6.70
C ASN D 110 22.86 20.69 7.00
N THR D 111 23.64 21.23 6.06
CA THR D 111 24.24 22.55 6.30
C THR D 111 23.91 23.55 5.22
N TYR D 112 23.64 23.09 4.00
CA TYR D 112 23.41 24.02 2.89
C TYR D 112 22.37 25.12 3.17
N PRO D 113 21.21 24.76 3.76
CA PRO D 113 20.22 25.81 4.00
C PRO D 113 20.71 26.90 4.95
N MET D 114 21.49 26.56 5.97
CA MET D 114 21.91 27.63 6.88
C MET D 114 23.06 28.45 6.29
N VAL D 115 23.82 27.86 5.38
CA VAL D 115 24.81 28.64 4.63
C VAL D 115 24.14 29.67 3.73
N VAL D 116 23.15 29.25 2.95
CA VAL D 116 22.51 30.19 2.02
C VAL D 116 21.70 31.28 2.74
N LYS D 117 21.10 30.95 3.88
CA LYS D 117 20.28 31.90 4.63
C LYS D 117 21.06 32.81 5.58
N ASN D 118 22.29 32.43 5.90
CA ASN D 118 23.14 33.22 6.82
C ASN D 118 24.53 33.45 6.25
N GLN D 119 24.59 34.02 5.06
CA GLN D 119 25.86 34.09 4.33
C GLN D 119 26.91 34.91 5.05
N ALA D 120 26.48 35.94 5.77
CA ALA D 120 27.40 36.78 6.52
C ALA D 120 28.06 36.01 7.65
N ASP D 121 27.47 34.88 8.03
CA ASP D 121 27.98 34.08 9.14
C ASP D 121 29.03 33.06 8.70
N ILE D 122 29.22 32.91 7.40
CA ILE D 122 30.11 31.86 6.87
C ILE D 122 31.30 32.46 6.12
N ALA D 123 32.49 32.33 6.70
CA ALA D 123 33.68 32.91 6.07
C ALA D 123 34.11 32.13 4.82
N ARG D 124 34.39 30.84 5.01
CA ARG D 124 34.84 29.98 3.93
C ARG D 124 34.13 28.63 4.02
N LEU D 125 33.92 28.00 2.87
CA LEU D 125 33.11 26.79 2.77
C LEU D 125 33.87 25.68 2.05
N VAL D 126 33.89 24.50 2.65
CA VAL D 126 34.46 23.33 1.98
C VAL D 126 33.43 22.20 1.98
N TYR D 127 33.05 21.76 0.78
CA TYR D 127 32.08 20.69 0.63
C TYR D 127 32.71 19.50 -0.08
N MET D 128 32.52 18.29 0.44
CA MET D 128 33.11 17.11 -0.23
C MET D 128 32.18 15.91 -0.32
N GLU D 129 32.19 15.26 -1.49
CA GLU D 129 31.60 13.93 -1.66
C GLU D 129 30.12 13.80 -1.25
N ALA D 130 29.26 14.62 -1.87
CA ALA D 130 27.81 14.42 -1.88
C ALA D 130 27.15 15.48 -2.73
N PRO D 131 26.04 15.12 -3.37
CA PRO D 131 25.28 16.17 -4.06
C PRO D 131 24.55 17.05 -3.06
N ILE D 132 24.48 18.34 -3.32
CA ILE D 132 23.46 19.17 -2.68
C ILE D 132 22.12 18.65 -3.21
N PRO D 133 21.13 18.46 -2.32
CA PRO D 133 19.84 17.93 -2.77
C PRO D 133 19.17 18.85 -3.79
N ASP D 134 19.14 18.38 -5.04
CA ASP D 134 18.39 19.05 -6.10
C ASP D 134 18.00 18.04 -7.19
N ALA D 135 17.43 18.52 -8.28
CA ALA D 135 16.89 17.62 -9.30
C ALA D 135 17.95 16.70 -9.93
N ARG D 136 19.23 17.04 -9.77
CA ARG D 136 20.31 16.23 -10.33
C ARG D 136 20.32 14.80 -9.77
N ILE D 137 19.84 14.63 -8.53
CA ILE D 137 19.87 13.30 -7.92
C ILE D 137 18.94 12.29 -8.61
N TYR D 138 17.95 12.80 -9.34
CA TYR D 138 16.98 11.91 -9.99
C TYR D 138 17.51 11.35 -11.31
N ARG D 139 18.74 11.72 -11.65
CA ARG D 139 19.35 11.23 -12.87
C ARG D 139 20.30 10.07 -12.64
N PHE D 140 20.73 9.87 -11.39
CA PHE D 140 21.64 8.77 -11.07
C PHE D 140 20.95 7.44 -11.37
N PRO D 141 21.68 6.51 -11.99
CA PRO D 141 21.06 5.24 -12.43
C PRO D 141 20.85 4.24 -11.30
N ALA D 142 19.81 3.41 -11.45
CA ALA D 142 19.49 2.36 -10.50
C ALA D 142 20.49 1.19 -10.55
N PHE D 143 21.11 0.99 -11.71
CA PHE D 143 21.89 -0.22 -11.97
C PHE D 143 22.95 0.09 -13.02
N THR D 144 24.07 -0.62 -12.99
CA THR D 144 25.16 -0.37 -13.94
C THR D 144 25.61 -1.66 -14.62
N ALA D 145 26.30 -1.50 -15.74
CA ALA D 145 26.85 -2.65 -16.47
C ALA D 145 27.92 -3.40 -15.69
N GLN D 146 28.34 -2.83 -14.55
CA GLN D 146 29.33 -3.47 -13.69
C GLN D 146 28.77 -3.99 -12.37
N GLY D 147 27.46 -3.83 -12.16
CA GLY D 147 26.84 -4.25 -10.92
C GLY D 147 26.13 -3.11 -10.21
N GLU D 148 26.11 -3.16 -8.87
CA GLU D 148 25.37 -2.15 -8.09
C GLU D 148 25.84 -0.72 -8.35
N SER D 149 24.88 0.19 -8.44
CA SER D 149 25.15 1.60 -8.64
C SER D 149 25.55 2.31 -7.35
N LEU D 150 25.94 3.58 -7.47
CA LEU D 150 26.42 4.34 -6.33
C LEU D 150 25.33 4.74 -5.34
N VAL D 151 24.14 5.08 -5.82
CA VAL D 151 23.13 5.61 -4.91
C VAL D 151 21.77 4.90 -4.89
N TRP D 152 21.76 3.60 -5.20
CA TRP D 152 20.52 2.83 -5.02
C TRP D 152 20.04 2.88 -3.56
N HIS D 153 20.98 3.09 -2.63
CA HIS D 153 20.61 3.20 -1.22
C HIS D 153 19.68 4.37 -0.93
N PHE D 154 19.63 5.39 -1.79
CA PHE D 154 18.66 6.46 -1.60
C PHE D 154 17.25 5.89 -1.49
N SER D 155 16.89 4.99 -2.42
CA SER D 155 15.57 4.35 -2.36
C SER D 155 15.41 3.35 -1.19
N PHE D 156 16.44 2.54 -0.95
CA PHE D 156 16.42 1.56 0.14
C PHE D 156 16.17 2.29 1.46
N PHE D 157 16.90 3.37 1.67
CA PHE D 157 16.84 4.08 2.95
C PHE D 157 15.56 4.90 3.08
N ALA D 158 15.06 5.43 1.97
CA ALA D 158 13.84 6.24 2.00
C ALA D 158 12.55 5.41 2.06
N ALA D 159 12.64 4.12 1.75
CA ALA D 159 11.46 3.27 1.68
C ALA D 159 10.71 3.27 3.01
N ASP D 160 9.39 3.08 2.94
CA ASP D 160 8.60 3.04 4.16
C ASP D 160 8.61 1.65 4.79
N ASP D 161 7.66 1.40 5.70
CA ASP D 161 7.63 0.17 6.48
C ASP D 161 8.90 -0.11 7.31
N ARG D 162 9.68 0.93 7.56
CA ARG D 162 11.00 0.79 8.22
C ARG D 162 11.78 -0.34 7.54
N LEU D 163 11.75 -0.35 6.21
CA LEU D 163 12.42 -1.40 5.44
C LEU D 163 13.89 -1.55 5.83
N ALA D 164 14.60 -0.44 5.86
CA ALA D 164 16.04 -0.47 6.14
C ALA D 164 16.34 -0.89 7.59
N GLU D 165 15.65 -0.30 8.57
CA GLU D 165 15.87 -0.71 9.97
C GLU D 165 15.56 -2.18 10.19
N THR D 166 14.50 -2.65 9.55
CA THR D 166 14.04 -4.01 9.82
C THR D 166 15.01 -5.02 9.22
N LEU D 167 15.55 -4.71 8.04
CA LEU D 167 16.48 -5.62 7.39
C LEU D 167 17.89 -5.57 7.99
N ILE D 168 18.31 -4.38 8.39
CA ILE D 168 19.68 -4.18 8.86
C ILE D 168 19.87 -4.47 10.35
N ALA D 169 18.82 -4.34 11.16
CA ALA D 169 18.95 -4.64 12.59
C ALA D 169 19.41 -6.08 12.79
N GLY D 170 20.42 -6.26 13.64
CA GLY D 170 21.03 -7.56 13.83
C GLY D 170 22.14 -7.87 12.83
N LYS D 171 22.29 -7.02 11.82
CA LYS D 171 23.33 -7.19 10.80
C LYS D 171 24.00 -5.84 10.51
N GLU D 172 24.07 -4.98 11.52
CA GLU D 172 24.55 -3.60 11.31
C GLU D 172 26.02 -3.55 10.90
N ARG D 173 26.85 -4.36 11.54
CA ARG D 173 28.27 -4.45 11.24
C ARG D 173 28.50 -5.01 9.82
N PHE D 174 27.77 -6.06 9.48
CA PHE D 174 27.85 -6.63 8.14
C PHE D 174 27.45 -5.63 7.07
N PHE D 175 26.31 -4.97 7.26
CA PHE D 175 25.88 -4.01 6.27
C PHE D 175 26.85 -2.85 6.10
N LEU D 176 27.34 -2.33 7.22
CA LEU D 176 28.19 -1.14 7.14
C LEU D 176 29.52 -1.44 6.44
N GLU D 177 30.10 -2.62 6.72
CA GLU D 177 31.29 -3.00 5.99
C GLU D 177 31.03 -3.05 4.48
N HIS D 178 29.91 -3.67 4.08
CA HIS D 178 29.59 -3.71 2.66
C HIS D 178 29.41 -2.31 2.08
N PHE D 179 28.63 -1.48 2.77
CA PHE D 179 28.32 -0.14 2.28
C PHE D 179 29.58 0.71 2.18
N ILE D 180 30.41 0.68 3.22
CA ILE D 180 31.63 1.50 3.21
C ILE D 180 32.58 1.03 2.11
N LYS D 181 32.85 -0.27 2.06
CA LYS D 181 33.82 -0.77 1.09
C LYS D 181 33.32 -0.65 -0.36
N SER D 182 32.01 -0.72 -0.57
CA SER D 182 31.46 -0.56 -1.92
C SER D 182 31.57 0.87 -2.44
N HIS D 183 31.77 1.82 -1.52
CA HIS D 183 31.94 3.21 -1.91
C HIS D 183 33.38 3.67 -1.73
N ALA D 184 34.30 2.71 -1.53
CA ALA D 184 35.73 3.00 -1.29
C ALA D 184 36.64 2.60 -2.45
N SER D 185 37.76 3.30 -2.59
CA SER D 185 38.86 2.85 -3.43
C SER D 185 39.90 2.15 -2.56
N ASN D 186 40.21 2.78 -1.43
CA ASN D 186 41.18 2.26 -0.49
C ASN D 186 40.48 1.59 0.67
N THR D 187 40.10 0.32 0.48
CA THR D 187 39.31 -0.39 1.47
C THR D 187 40.11 -0.70 2.72
N GLU D 188 41.44 -0.81 2.56
CA GLU D 188 42.33 -1.23 3.63
C GLU D 188 42.38 -0.27 4.82
N VAL D 189 42.00 1.00 4.60
CA VAL D 189 42.00 1.94 5.71
C VAL D 189 40.88 1.63 6.70
N PHE D 190 39.90 0.85 6.27
CA PHE D 190 38.81 0.46 7.15
C PHE D 190 39.10 -0.88 7.82
N SER D 191 39.93 -0.81 8.85
CA SER D 191 40.27 -1.99 9.65
C SER D 191 39.00 -2.57 10.26
N GLU D 192 39.06 -3.84 10.64
CA GLU D 192 37.93 -4.47 11.30
C GLU D 192 37.57 -3.72 12.59
N ARG D 193 38.59 -3.22 13.30
CA ARG D 193 38.36 -2.47 14.51
C ARG D 193 37.61 -1.14 14.28
N LEU D 194 38.02 -0.40 13.25
CA LEU D 194 37.32 0.87 12.94
C LEU D 194 35.87 0.61 12.54
N LEU D 195 35.65 -0.44 11.75
CA LEU D 195 34.30 -0.81 11.37
C LEU D 195 33.49 -1.21 12.60
N ASP D 196 34.10 -1.90 13.56
CA ASP D 196 33.41 -2.25 14.80
C ASP D 196 32.91 -1.00 15.53
N LEU D 197 33.76 0.02 15.58
CA LEU D 197 33.40 1.26 16.28
C LEU D 197 32.25 2.01 15.60
N TYR D 198 32.35 2.21 14.29
CA TYR D 198 31.27 2.88 13.58
C TYR D 198 29.97 2.05 13.64
N ALA D 199 30.07 0.73 13.53
CA ALA D 199 28.87 -0.10 13.56
C ALA D 199 28.16 -0.04 14.90
N ARG D 200 28.91 -0.02 16.00
CA ARG D 200 28.25 -0.03 17.31
C ARG D 200 27.53 1.29 17.54
N SER D 201 28.06 2.38 17.00
CA SER D 201 27.40 3.66 17.16
C SER D 201 26.07 3.70 16.42
N TYR D 202 26.07 3.37 15.14
CA TYR D 202 24.83 3.53 14.37
C TYR D 202 23.84 2.40 14.63
N ALA D 203 24.27 1.36 15.34
CA ALA D 203 23.37 0.25 15.70
C ALA D 203 22.43 0.58 16.86
N LYS D 204 22.72 1.64 17.61
CA LYS D 204 21.78 2.09 18.65
C LYS D 204 20.45 2.31 17.94
N PRO D 205 19.35 1.75 18.50
CA PRO D 205 18.07 1.82 17.77
C PRO D 205 17.70 3.21 17.28
N HIS D 206 17.84 4.23 18.13
CA HIS D 206 17.47 5.58 17.70
C HIS D 206 18.38 6.14 16.63
N SER D 207 19.63 5.65 16.61
CA SER D 207 20.61 6.08 15.61
C SER D 207 20.43 5.38 14.27
N LEU D 208 20.03 4.12 14.32
CA LEU D 208 19.75 3.39 13.08
C LEU D 208 18.56 4.06 12.38
N ASN D 209 17.51 4.33 13.14
CA ASN D 209 16.37 5.05 12.58
C ASN D 209 16.73 6.46 12.11
N ALA D 210 17.46 7.21 12.93
CA ALA D 210 17.85 8.56 12.53
C ALA D 210 18.60 8.57 11.19
N SER D 211 19.50 7.59 11.01
CA SER D 211 20.28 7.49 9.78
C SER D 211 19.38 7.52 8.56
N PHE D 212 18.30 6.76 8.61
CA PHE D 212 17.43 6.64 7.45
C PHE D 212 16.41 7.78 7.33
N GLU D 213 16.04 8.38 8.46
CA GLU D 213 15.13 9.52 8.42
C GLU D 213 15.71 10.68 7.60
N TYR D 214 17.04 10.82 7.57
CA TYR D 214 17.67 11.82 6.70
C TYR D 214 17.28 11.57 5.23
N TYR D 215 17.20 10.30 4.84
CA TYR D 215 16.87 9.95 3.46
C TYR D 215 15.36 10.03 3.21
N ARG D 216 14.58 9.77 4.25
CA ARG D 216 13.12 9.87 4.14
C ARG D 216 12.69 11.33 4.00
N ALA D 217 13.57 12.25 4.38
CA ALA D 217 13.32 13.68 4.18
C ALA D 217 13.98 14.26 2.94
N LEU D 218 14.68 13.43 2.18
CA LEU D 218 15.45 13.92 1.03
C LEU D 218 14.62 14.67 -0.02
N ASN D 219 13.48 14.09 -0.40
CA ASN D 219 12.65 14.77 -1.40
C ASN D 219 12.13 16.10 -0.89
N GLU D 220 11.79 16.15 0.41
CA GLU D 220 11.42 17.42 1.03
C GLU D 220 12.57 18.42 0.98
N SER D 221 13.78 17.95 1.28
CA SER D 221 14.96 18.81 1.20
C SER D 221 15.20 19.35 -0.22
N VAL D 222 14.96 18.51 -1.23
CA VAL D 222 15.07 18.96 -2.62
C VAL D 222 14.07 20.09 -2.89
N ARG D 223 12.83 19.91 -2.43
CA ARG D 223 11.82 20.94 -2.65
C ARG D 223 12.19 22.23 -1.92
N GLN D 224 12.69 22.11 -0.69
CA GLN D 224 13.15 23.27 0.07
C GLN D 224 14.26 24.02 -0.66
N ASN D 225 15.22 23.25 -1.18
CA ASN D 225 16.38 23.85 -1.85
C ASN D 225 16.02 24.50 -3.17
N ALA D 226 14.94 24.04 -3.80
CA ALA D 226 14.50 24.65 -5.04
C ALA D 226 14.24 26.15 -4.87
N GLU D 227 13.73 26.53 -3.70
CA GLU D 227 13.55 27.95 -3.36
C GLU D 227 14.83 28.63 -2.89
N LEU D 228 15.56 27.95 -2.01
CA LEU D 228 16.81 28.50 -1.47
C LEU D 228 17.83 28.87 -2.56
N ALA D 229 17.90 28.06 -3.61
CA ALA D 229 18.94 28.20 -4.61
C ALA D 229 18.76 29.42 -5.52
N LYS D 230 17.68 30.18 -5.30
CA LYS D 230 17.48 31.43 -6.01
C LYS D 230 18.51 32.47 -5.57
N THR D 231 19.12 32.25 -4.42
CA THR D 231 20.20 33.09 -3.92
C THR D 231 21.52 32.33 -3.97
N ARG D 232 22.44 32.74 -4.84
CA ARG D 232 23.72 32.06 -4.96
C ARG D 232 24.66 32.35 -3.80
N LEU D 233 25.61 31.45 -3.58
CA LEU D 233 26.58 31.59 -2.49
C LEU D 233 27.71 32.52 -2.89
N GLN D 234 28.09 33.41 -1.99
CA GLN D 234 29.06 34.45 -2.31
C GLN D 234 30.41 34.27 -1.63
N MET D 235 30.50 33.35 -0.67
CA MET D 235 31.75 33.19 0.07
C MET D 235 32.73 32.27 -0.68
N PRO D 236 34.03 32.40 -0.40
CA PRO D 236 35.03 31.51 -1.02
C PRO D 236 34.71 30.05 -0.71
N THR D 237 34.66 29.21 -1.75
CA THR D 237 34.27 27.81 -1.62
C THR D 237 35.28 26.88 -2.28
N MET D 238 35.51 25.72 -1.68
CA MET D 238 36.29 24.66 -2.29
C MET D 238 35.49 23.37 -2.28
N THR D 239 35.52 22.64 -3.38
CA THR D 239 34.95 21.30 -3.39
C THR D 239 36.06 20.26 -3.51
N LEU D 240 35.85 19.12 -2.85
CA LEU D 240 36.73 17.96 -3.02
C LEU D 240 35.91 16.72 -3.38
N ALA D 241 36.46 15.86 -4.24
CA ALA D 241 35.80 14.62 -4.59
C ALA D 241 36.83 13.54 -4.90
N GLY D 242 36.45 12.28 -4.73
CA GLY D 242 37.35 11.19 -5.07
C GLY D 242 37.28 10.87 -6.55
N GLY D 243 38.43 10.57 -7.15
CA GLY D 243 38.46 10.21 -8.55
C GLY D 243 38.46 8.72 -8.79
N GLY D 244 38.56 7.94 -7.73
CA GLY D 244 38.57 6.49 -7.86
C GLY D 244 37.19 5.86 -7.67
N HIS D 245 37.17 4.53 -7.59
CA HIS D 245 35.94 3.80 -7.36
C HIS D 245 35.21 4.33 -6.14
N GLY D 246 33.91 4.59 -6.28
CA GLY D 246 33.13 5.06 -5.16
C GLY D 246 33.02 6.57 -5.06
N GLY D 247 33.87 7.28 -5.79
CA GLY D 247 33.90 8.73 -5.74
C GLY D 247 32.90 9.39 -6.67
N MET D 248 32.72 10.70 -6.48
CA MET D 248 31.80 11.49 -7.28
C MET D 248 32.47 12.15 -8.48
N GLY D 249 33.80 12.21 -8.47
CA GLY D 249 34.53 12.75 -9.61
C GLY D 249 34.14 14.17 -9.93
N THR D 250 33.94 14.47 -11.22
CA THR D 250 33.73 15.85 -11.64
C THR D 250 32.37 16.43 -11.21
N PHE D 251 31.46 15.57 -10.77
CA PHE D 251 30.10 15.99 -10.41
C PHE D 251 30.09 17.05 -9.32
N GLN D 252 30.99 16.90 -8.34
CA GLN D 252 30.98 17.76 -7.17
C GLN D 252 31.18 19.23 -7.55
N LEU D 253 32.25 19.50 -8.29
CA LEU D 253 32.54 20.86 -8.72
C LEU D 253 31.50 21.36 -9.73
N GLU D 254 31.07 20.50 -10.63
CA GLU D 254 30.17 20.95 -11.68
C GLU D 254 28.83 21.39 -11.11
N GLN D 255 28.31 20.63 -10.15
CA GLN D 255 27.10 21.05 -9.46
C GLN D 255 27.33 22.34 -8.69
N MET D 256 28.44 22.43 -7.95
CA MET D 256 28.70 23.58 -7.11
C MET D 256 28.80 24.89 -7.90
N LYS D 257 29.24 24.79 -9.17
CA LYS D 257 29.35 25.97 -10.03
C LYS D 257 28.00 26.64 -10.23
N ALA D 258 26.93 25.86 -10.09
CA ALA D 258 25.57 26.40 -10.21
C ALA D 258 25.15 27.15 -8.96
N TYR D 259 25.83 26.86 -7.84
CA TYR D 259 25.46 27.41 -6.54
C TYR D 259 26.38 28.53 -6.07
N ALA D 260 27.65 28.47 -6.44
CA ALA D 260 28.65 29.40 -5.89
C ALA D 260 29.38 30.20 -6.95
N GLU D 261 29.53 31.50 -6.69
CA GLU D 261 30.24 32.39 -7.60
C GLU D 261 31.76 32.19 -7.54
N ASP D 262 32.27 31.88 -6.35
CA ASP D 262 33.71 31.81 -6.10
C ASP D 262 34.06 30.42 -5.64
N VAL D 263 34.32 29.52 -6.58
CA VAL D 263 34.56 28.11 -6.24
C VAL D 263 35.75 27.54 -6.99
N GLU D 264 36.57 26.78 -6.26
CA GLU D 264 37.64 25.99 -6.86
C GLU D 264 37.43 24.54 -6.44
N GLY D 265 37.84 23.60 -7.28
CA GLY D 265 37.60 22.20 -6.99
C GLY D 265 38.81 21.32 -7.23
N HIS D 266 38.86 20.17 -6.55
CA HIS D 266 39.90 19.18 -6.81
C HIS D 266 39.27 17.80 -6.83
N VAL D 267 39.81 16.95 -7.71
CA VAL D 267 39.45 15.53 -7.71
C VAL D 267 40.71 14.77 -7.35
N LEU D 268 40.61 13.89 -6.36
CA LEU D 268 41.78 13.20 -5.81
C LEU D 268 41.88 11.80 -6.41
N PRO D 269 42.87 11.57 -7.29
CA PRO D 269 43.00 10.26 -7.91
C PRO D 269 43.36 9.21 -6.86
N GLY D 270 42.85 8.00 -7.01
CA GLY D 270 43.16 6.93 -6.09
C GLY D 270 42.34 6.95 -4.81
N CYS D 271 41.27 7.73 -4.78
CA CYS D 271 40.45 7.88 -3.58
C CYS D 271 38.99 7.77 -3.94
N GLY D 272 38.21 7.11 -3.08
CA GLY D 272 36.77 6.98 -3.28
C GLY D 272 35.97 8.00 -2.50
N HIS D 273 34.87 7.55 -1.90
CA HIS D 273 33.94 8.45 -1.20
C HIS D 273 34.43 8.94 0.15
N TRP D 274 35.21 8.13 0.85
CA TRP D 274 35.50 8.40 2.25
C TRP D 274 36.81 9.17 2.39
N LEU D 275 36.84 10.40 1.88
CA LEU D 275 38.11 11.11 1.72
C LEU D 275 38.95 11.26 3.00
N PRO D 276 38.33 11.63 4.14
CA PRO D 276 39.16 11.83 5.34
C PRO D 276 39.94 10.59 5.78
N GLU D 277 39.40 9.41 5.50
CA GLU D 277 40.09 8.16 5.86
C GLU D 277 40.89 7.57 4.71
N GLU D 278 40.32 7.59 3.50
CA GLU D 278 41.00 7.00 2.35
C GLU D 278 42.21 7.79 1.90
N CYS D 279 42.15 9.10 2.05
CA CYS D 279 43.22 9.95 1.52
C CYS D 279 43.45 11.12 2.47
N ALA D 280 43.72 10.76 3.72
CA ALA D 280 43.88 11.74 4.80
C ALA D 280 44.92 12.79 4.50
N ALA D 281 46.10 12.38 4.04
CA ALA D 281 47.19 13.35 3.90
C ALA D 281 46.92 14.45 2.86
N PRO D 282 46.58 14.09 1.61
CA PRO D 282 46.28 15.17 0.67
C PRO D 282 45.00 15.93 0.97
N MET D 283 43.97 15.25 1.47
CA MET D 283 42.73 15.93 1.81
C MET D 283 42.97 16.95 2.90
N ASN D 284 43.66 16.51 3.95
CA ASN D 284 44.00 17.42 5.06
C ASN D 284 44.79 18.64 4.57
N ARG D 285 45.79 18.40 3.73
CA ARG D 285 46.61 19.48 3.19
C ARG D 285 45.76 20.50 2.43
N LEU D 286 44.88 20.01 1.56
CA LEU D 286 44.06 20.89 0.74
C LEU D 286 43.10 21.75 1.58
N VAL D 287 42.50 21.13 2.59
CA VAL D 287 41.60 21.84 3.51
C VAL D 287 42.34 22.88 4.37
N ILE D 288 43.43 22.47 5.00
CA ILE D 288 44.24 23.39 5.83
C ILE D 288 44.72 24.59 5.02
N ASP D 289 45.27 24.35 3.83
CA ASP D 289 45.77 25.45 3.01
C ASP D 289 44.64 26.39 2.57
N PHE D 290 43.50 25.83 2.20
CA PHE D 290 42.39 26.65 1.73
C PHE D 290 41.86 27.55 2.86
N LEU D 291 41.72 26.99 4.05
CA LEU D 291 41.19 27.74 5.17
C LEU D 291 42.21 28.74 5.71
N SER D 292 43.49 28.45 5.48
CA SER D 292 44.56 29.30 6.01
C SER D 292 44.83 30.53 5.14
N ARG D 293 44.14 30.63 4.01
CA ARG D 293 44.25 31.83 3.18
C ARG D 293 43.63 33.03 3.89
#